data_7AZE
#
_entry.id   7AZE
#
_cell.length_a   63.500
_cell.length_b   64.810
_cell.length_c   71.100
_cell.angle_alpha   106.710
_cell.angle_beta   100.070
_cell.angle_gamma   116.950
#
_symmetry.space_group_name_H-M   'P 1'
#
loop_
_entity.id
_entity.type
_entity.pdbx_description
1 polymer 'Beta sliding clamp'
2 polymer 'Peptide 18'
3 non-polymer 'MALONATE ION'
4 non-polymer GLYCEROL
5 non-polymer 'PENTAETHYLENE GLYCOL'
6 water water
#
loop_
_entity_poly.entity_id
_entity_poly.type
_entity_poly.pdbx_seq_one_letter_code
_entity_poly.pdbx_strand_id
1 'polypeptide(L)'
;MGSSHHHHHHSSGLVPRGSHMKFTVEREHLLKPLQQVSGPLGGRPTLPILGNLLLQVADGTLSLTGTDLEMEMVARVALV
QPHEPGATTVPARKFFDICRGLPEGAEIAVQLEGERMLVRSGRSRFSLSTLPAADFPNLDDWQSEVEFTLPQATMKRLIE
ATQFSMAHQDVRYYLNGMLFETEGEELRTVATDGHRLAVCSMPIGQSLPSHSVIVPRKGVIELMRMLDGGDNPLRVQIGS
NNIRAHVGDFIFTSKLVDGRFPDYRRVLPKNPDKHLEAGCDLLKQAFARAAILSNEKFRGVRLYVSENQLKITANNPEQE
EAEEILDVTYSGAEMEIGFNVSYVLDVLNALKCENVRMMLTDSVSSVQIEDAASQSAAYVVMPMRL
;
A,B
2 'polypeptide(L)' (SJ8)Q(ALC)DLF H,I
#
# COMPACT_ATOMS: atom_id res chain seq x y z
N SER A 19 -12.67 -6.98 41.27
CA SER A 19 -11.58 -6.13 40.75
C SER A 19 -10.27 -6.94 40.53
N HIS A 20 -10.43 -8.23 40.19
CA HIS A 20 -9.34 -9.16 39.88
C HIS A 20 -9.63 -9.85 38.52
N MET A 21 -9.94 -9.04 37.46
CA MET A 21 -10.27 -9.59 36.16
C MET A 21 -9.31 -10.67 35.66
N LYS A 22 -9.84 -11.79 35.14
CA LYS A 22 -8.99 -12.88 34.63
C LYS A 22 -9.77 -13.70 33.62
N PHE A 23 -9.12 -14.06 32.50
CA PHE A 23 -9.69 -14.92 31.47
C PHE A 23 -8.60 -15.63 30.68
N THR A 24 -8.96 -16.76 30.04
CA THR A 24 -8.09 -17.55 29.17
C THR A 24 -8.86 -17.87 27.90
N VAL A 25 -8.38 -17.42 26.77
CA VAL A 25 -9.07 -17.61 25.49
C VAL A 25 -8.09 -18.05 24.41
N GLU A 26 -8.57 -18.79 23.39
CA GLU A 26 -7.75 -19.23 22.26
C GLU A 26 -7.48 -17.99 21.40
N ARG A 27 -6.24 -17.85 20.90
CA ARG A 27 -5.83 -16.73 20.03
C ARG A 27 -6.80 -16.48 18.87
N GLU A 28 -7.25 -17.56 18.17
CA GLU A 28 -8.15 -17.44 17.01
C GLU A 28 -9.57 -16.94 17.36
N HIS A 29 -9.96 -16.92 18.65
CA HIS A 29 -11.24 -16.40 19.09
C HIS A 29 -11.08 -14.93 19.50
N LEU A 30 -9.82 -14.45 19.56
CA LEU A 30 -9.52 -13.10 20.00
C LEU A 30 -9.09 -12.15 18.89
N LEU A 31 -8.45 -12.66 17.83
CA LEU A 31 -7.89 -11.87 16.72
C LEU A 31 -8.85 -11.00 15.92
N LYS A 32 -9.93 -11.58 15.33
CA LYS A 32 -10.92 -10.81 14.56
C LYS A 32 -11.65 -9.81 15.48
N PRO A 33 -12.11 -10.20 16.70
CA PRO A 33 -12.71 -9.19 17.59
C PRO A 33 -11.79 -8.02 17.93
N LEU A 34 -10.47 -8.25 18.13
CA LEU A 34 -9.48 -7.20 18.42
C LEU A 34 -9.31 -6.24 17.25
N GLN A 35 -9.21 -6.78 16.02
CA GLN A 35 -9.04 -5.99 14.80
C GLN A 35 -10.26 -5.10 14.59
N GLN A 36 -11.48 -5.70 14.71
CA GLN A 36 -12.78 -5.03 14.57
C GLN A 36 -12.97 -3.84 15.53
N VAL A 37 -12.87 -4.06 16.87
CA VAL A 37 -13.12 -3.02 17.88
C VAL A 37 -12.14 -1.89 17.80
N SER A 38 -10.98 -2.14 17.18
CA SER A 38 -9.93 -1.15 16.99
C SER A 38 -10.22 -0.20 15.84
N GLY A 39 -11.16 -0.56 14.95
CA GLY A 39 -11.59 0.25 13.82
C GLY A 39 -11.72 1.74 14.12
N PRO A 40 -12.56 2.17 15.10
CA PRO A 40 -12.69 3.63 15.39
C PRO A 40 -11.48 4.37 15.96
N LEU A 41 -10.37 3.68 16.26
CA LEU A 41 -9.15 4.29 16.82
C LEU A 41 -8.20 4.68 15.70
N GLY A 42 -7.32 5.67 15.92
CA GLY A 42 -6.34 5.98 14.90
C GLY A 42 -5.83 7.38 14.66
N GLY A 43 -6.72 8.38 14.71
CA GLY A 43 -6.37 9.77 14.42
C GLY A 43 -5.45 10.42 15.44
N ARG A 44 -5.53 11.77 15.55
CA ARG A 44 -4.75 12.52 16.54
C ARG A 44 -5.26 12.02 17.90
N PRO A 45 -4.43 11.23 18.65
CA PRO A 45 -4.94 10.64 19.89
C PRO A 45 -4.85 11.64 21.04
N THR A 46 -5.89 12.49 21.13
CA THR A 46 -6.01 13.60 22.07
C THR A 46 -6.17 13.09 23.53
N LEU A 47 -7.29 12.42 23.84
CA LEU A 47 -7.54 11.86 25.16
C LEU A 47 -6.84 10.48 25.22
N PRO A 48 -5.89 10.29 26.18
CA PRO A 48 -5.12 9.03 26.23
C PRO A 48 -5.94 7.73 26.25
N ILE A 49 -7.02 7.69 27.04
CA ILE A 49 -7.85 6.48 27.15
C ILE A 49 -8.50 6.07 25.79
N LEU A 50 -8.62 7.01 24.83
CA LEU A 50 -9.16 6.69 23.49
C LEU A 50 -8.23 5.78 22.69
N GLY A 51 -6.98 5.66 23.13
CA GLY A 51 -6.03 4.73 22.51
C GLY A 51 -6.15 3.31 23.08
N ASN A 52 -7.05 3.11 24.06
CA ASN A 52 -7.27 1.84 24.77
C ASN A 52 -8.55 1.14 24.45
N LEU A 53 -8.56 -0.17 24.65
CA LEU A 53 -9.75 -0.99 24.53
C LEU A 53 -10.25 -1.30 25.93
N LEU A 54 -11.56 -1.25 26.13
CA LEU A 54 -12.18 -1.63 27.39
C LEU A 54 -12.40 -3.14 27.33
N LEU A 55 -11.90 -3.87 28.34
CA LEU A 55 -12.10 -5.32 28.46
C LEU A 55 -12.96 -5.55 29.68
N GLN A 56 -14.02 -6.33 29.54
CA GLN A 56 -14.94 -6.63 30.64
C GLN A 56 -15.27 -8.11 30.64
N VAL A 57 -15.05 -8.74 31.77
CA VAL A 57 -15.39 -10.15 31.95
C VAL A 57 -16.62 -10.23 32.88
N ALA A 58 -17.66 -10.93 32.41
CA ALA A 58 -18.91 -11.18 33.16
C ALA A 58 -19.60 -12.43 32.62
N ASP A 59 -19.95 -13.35 33.53
CA ASP A 59 -20.70 -14.62 33.32
C ASP A 59 -20.59 -15.24 31.91
N GLY A 60 -19.43 -15.84 31.61
CA GLY A 60 -19.18 -16.49 30.32
C GLY A 60 -18.93 -15.58 29.14
N THR A 61 -18.81 -14.25 29.37
CA THR A 61 -18.54 -13.34 28.26
C THR A 61 -17.37 -12.36 28.52
N LEU A 62 -16.52 -12.24 27.51
CA LEU A 62 -15.51 -11.22 27.47
C LEU A 62 -16.07 -10.18 26.49
N SER A 63 -16.16 -8.91 26.91
CA SER A 63 -16.58 -7.83 26.04
C SER A 63 -15.40 -6.91 25.82
N LEU A 64 -15.19 -6.52 24.56
CA LEU A 64 -14.09 -5.66 24.16
C LEU A 64 -14.73 -4.46 23.48
N THR A 65 -14.35 -3.23 23.90
CA THR A 65 -14.90 -2.02 23.33
C THR A 65 -13.81 -1.01 22.92
N GLY A 66 -13.98 -0.48 21.72
CA GLY A 66 -13.17 0.62 21.18
C GLY A 66 -14.09 1.79 20.88
N THR A 67 -13.65 3.03 21.12
CA THR A 67 -14.48 4.23 20.85
C THR A 67 -13.66 5.43 20.39
N ASP A 68 -14.28 6.38 19.69
CA ASP A 68 -13.62 7.64 19.33
C ASP A 68 -14.50 8.80 19.87
N LEU A 69 -15.48 8.47 20.75
CA LEU A 69 -16.48 9.37 21.38
C LEU A 69 -17.74 9.58 20.53
N GLU A 70 -17.62 9.52 19.19
CA GLU A 70 -18.74 9.70 18.27
C GLU A 70 -19.37 8.30 18.02
N MET A 71 -18.54 7.27 17.96
CA MET A 71 -19.03 5.92 17.76
C MET A 71 -18.34 4.92 18.66
N GLU A 72 -18.87 3.71 18.75
CA GLU A 72 -18.25 2.67 19.53
C GLU A 72 -18.48 1.31 18.85
N MET A 73 -17.47 0.45 18.94
CA MET A 73 -17.54 -0.90 18.40
C MET A 73 -17.34 -1.85 19.58
N VAL A 74 -18.25 -2.82 19.72
CA VAL A 74 -18.25 -3.80 20.80
C VAL A 74 -18.19 -5.20 20.18
N ALA A 75 -17.35 -6.09 20.75
CA ALA A 75 -17.28 -7.49 20.36
C ALA A 75 -17.49 -8.33 21.61
N ARG A 76 -18.24 -9.43 21.47
CA ARG A 76 -18.48 -10.35 22.58
C ARG A 76 -17.83 -11.67 22.28
N VAL A 77 -17.00 -12.14 23.21
CA VAL A 77 -16.33 -13.41 23.04
C VAL A 77 -16.80 -14.34 24.13
N ALA A 78 -17.33 -15.50 23.74
CA ALA A 78 -17.80 -16.51 24.70
C ALA A 78 -16.56 -17.08 25.36
N LEU A 79 -16.55 -17.15 26.69
CA LEU A 79 -15.42 -17.72 27.43
C LEU A 79 -15.79 -19.14 27.84
N VAL A 80 -15.09 -20.14 27.29
CA VAL A 80 -15.36 -21.55 27.57
C VAL A 80 -14.47 -22.10 28.71
N GLN A 81 -13.53 -21.30 29.18
CA GLN A 81 -12.58 -21.67 30.23
C GLN A 81 -12.85 -20.86 31.50
N PRO A 82 -12.41 -21.32 32.69
CA PRO A 82 -12.68 -20.52 33.91
C PRO A 82 -12.20 -19.08 33.82
N HIS A 83 -12.93 -18.19 34.49
CA HIS A 83 -12.64 -16.76 34.45
C HIS A 83 -13.11 -16.09 35.71
N GLU A 84 -12.58 -14.90 35.98
CA GLU A 84 -13.00 -14.09 37.13
C GLU A 84 -13.45 -12.73 36.62
N PRO A 85 -14.63 -12.25 37.10
CA PRO A 85 -15.16 -11.00 36.58
C PRO A 85 -14.37 -9.75 36.95
N GLY A 86 -14.51 -8.75 36.09
CA GLY A 86 -13.88 -7.46 36.26
C GLY A 86 -13.70 -6.76 34.95
N ALA A 87 -13.01 -5.63 35.01
CA ALA A 87 -12.79 -4.80 33.85
C ALA A 87 -11.51 -3.99 33.99
N THR A 88 -10.91 -3.65 32.84
CA THR A 88 -9.74 -2.79 32.71
C THR A 88 -9.70 -2.23 31.28
N THR A 89 -8.77 -1.30 31.02
CA THR A 89 -8.54 -0.78 29.65
C THR A 89 -7.07 -0.95 29.42
N VAL A 90 -6.72 -1.37 28.21
CA VAL A 90 -5.34 -1.68 27.83
C VAL A 90 -4.99 -1.06 26.45
N PRO A 91 -3.71 -0.67 26.16
CA PRO A 91 -3.40 -0.10 24.82
C PRO A 91 -3.78 -1.06 23.69
N ALA A 92 -4.65 -0.59 22.78
CA ALA A 92 -5.20 -1.40 21.70
C ALA A 92 -4.18 -2.01 20.75
N ARG A 93 -3.27 -1.18 20.20
N ARG A 93 -3.27 -1.18 20.20
CA ARG A 93 -2.25 -1.61 19.24
CA ARG A 93 -2.25 -1.59 19.23
C ARG A 93 -1.28 -2.63 19.83
C ARG A 93 -1.28 -2.61 19.82
N LYS A 94 -0.75 -2.33 21.03
CA LYS A 94 0.19 -3.23 21.72
C LYS A 94 -0.47 -4.58 22.02
N PHE A 95 -1.73 -4.56 22.55
CA PHE A 95 -2.47 -5.80 22.84
C PHE A 95 -2.76 -6.63 21.60
N PHE A 96 -3.22 -5.98 20.51
CA PHE A 96 -3.48 -6.65 19.25
C PHE A 96 -2.18 -7.23 18.69
N ASP A 97 -1.10 -6.42 18.63
CA ASP A 97 0.18 -6.91 18.11
C ASP A 97 0.72 -8.11 18.89
N ILE A 98 0.55 -8.10 20.23
CA ILE A 98 0.98 -9.23 21.08
C ILE A 98 0.21 -10.50 20.67
N CYS A 99 -1.13 -10.45 20.64
CA CYS A 99 -1.99 -11.58 20.28
C CYS A 99 -1.75 -12.10 18.85
N ARG A 100 -1.59 -11.18 17.89
CA ARG A 100 -1.33 -11.51 16.48
C ARG A 100 0.07 -12.15 16.31
N GLY A 101 1.02 -11.72 17.13
CA GLY A 101 2.38 -12.23 17.11
C GLY A 101 2.54 -13.60 17.73
N LEU A 102 1.58 -14.04 18.56
CA LEU A 102 1.67 -15.37 19.19
C LEU A 102 1.38 -16.48 18.16
N PRO A 103 1.85 -17.73 18.38
CA PRO A 103 1.63 -18.76 17.34
C PRO A 103 0.19 -19.21 17.16
N GLU A 104 -0.12 -19.72 15.95
CA GLU A 104 -1.44 -20.25 15.63
C GLU A 104 -1.80 -21.31 16.68
N GLY A 105 -2.99 -21.21 17.26
CA GLY A 105 -3.46 -22.14 18.28
C GLY A 105 -3.05 -21.83 19.72
N ALA A 106 -2.34 -20.71 19.95
CA ALA A 106 -1.90 -20.32 21.30
C ALA A 106 -3.07 -20.03 22.19
N GLU A 107 -2.96 -20.41 23.45
CA GLU A 107 -3.91 -20.11 24.50
C GLU A 107 -3.39 -18.85 25.17
N ILE A 108 -4.23 -17.82 25.32
CA ILE A 108 -3.88 -16.53 25.91
C ILE A 108 -4.52 -16.34 27.26
N ALA A 109 -3.69 -16.32 28.34
CA ALA A 109 -4.16 -16.12 29.71
C ALA A 109 -3.90 -14.67 30.09
N VAL A 110 -4.96 -13.97 30.46
CA VAL A 110 -4.88 -12.53 30.76
C VAL A 110 -5.37 -12.31 32.16
N GLN A 111 -4.66 -11.51 32.95
CA GLN A 111 -5.12 -11.14 34.27
C GLN A 111 -4.60 -9.78 34.73
N LEU A 112 -5.43 -9.10 35.50
CA LEU A 112 -5.07 -7.82 36.08
C LEU A 112 -4.23 -8.14 37.32
N GLU A 113 -3.12 -7.40 37.51
CA GLU A 113 -2.23 -7.52 38.66
C GLU A 113 -1.89 -6.08 39.03
N GLY A 114 -2.62 -5.56 40.03
CA GLY A 114 -2.46 -4.16 40.45
C GLY A 114 -2.92 -3.25 39.34
N GLU A 115 -2.07 -2.31 38.89
CA GLU A 115 -2.38 -1.39 37.79
C GLU A 115 -1.82 -1.93 36.44
N ARG A 116 -1.38 -3.18 36.42
CA ARG A 116 -0.85 -3.79 35.20
C ARG A 116 -1.70 -4.91 34.70
N MET A 117 -1.76 -5.06 33.38
CA MET A 117 -2.48 -6.18 32.79
C MET A 117 -1.44 -7.16 32.25
N LEU A 118 -1.55 -8.41 32.67
CA LEU A 118 -0.62 -9.45 32.28
C LEU A 118 -1.19 -10.30 31.19
N VAL A 119 -0.36 -10.64 30.23
CA VAL A 119 -0.73 -11.46 29.07
C VAL A 119 0.31 -12.55 29.03
N ARG A 120 -0.13 -13.81 29.20
CA ARG A 120 0.79 -14.94 29.22
C ARG A 120 0.32 -15.99 28.24
N SER A 121 1.25 -16.64 27.55
CA SER A 121 1.01 -17.73 26.58
C SER A 121 2.34 -18.48 26.40
N GLY A 122 2.37 -19.79 26.60
CA GLY A 122 3.61 -20.57 26.56
C GLY A 122 4.56 -20.01 27.60
N ARG A 123 5.80 -19.64 27.20
CA ARG A 123 6.76 -19.00 28.10
CA ARG A 123 6.75 -18.98 28.10
C ARG A 123 7.04 -17.53 27.64
N SER A 124 5.98 -16.89 27.16
CA SER A 124 5.90 -15.50 26.71
C SER A 124 5.09 -14.79 27.77
N ARG A 125 5.61 -13.67 28.30
CA ARG A 125 4.95 -12.90 29.35
C ARG A 125 4.99 -11.41 28.98
N PHE A 126 3.85 -10.73 29.03
CA PHE A 126 3.77 -9.29 28.71
C PHE A 126 3.02 -8.58 29.81
N SER A 127 3.59 -7.49 30.30
CA SER A 127 2.99 -6.68 31.36
C SER A 127 2.69 -5.31 30.74
N LEU A 128 1.40 -5.05 30.51
CA LEU A 128 0.91 -3.82 29.88
C LEU A 128 0.39 -2.83 30.88
N SER A 129 0.55 -1.54 30.60
CA SER A 129 0.03 -0.48 31.46
C SER A 129 -1.50 -0.38 31.24
N THR A 130 -2.24 0.15 32.21
CA THR A 130 -3.71 0.24 32.09
C THR A 130 -4.20 1.62 32.47
N LEU A 131 -5.48 1.86 32.17
CA LEU A 131 -6.24 3.03 32.60
C LEU A 131 -7.57 2.49 33.18
N PRO A 132 -8.11 3.07 34.27
CA PRO A 132 -9.31 2.47 34.89
C PRO A 132 -10.52 2.32 33.98
N ALA A 133 -11.16 1.16 34.05
CA ALA A 133 -12.39 0.87 33.29
C ALA A 133 -13.47 1.93 33.61
N ALA A 134 -13.53 2.40 34.87
CA ALA A 134 -14.46 3.45 35.29
C ALA A 134 -14.27 4.76 34.50
N ASP A 135 -13.08 4.98 33.90
CA ASP A 135 -12.80 6.19 33.10
C ASP A 135 -13.14 6.04 31.63
N PHE A 136 -13.49 4.82 31.18
CA PHE A 136 -13.76 4.62 29.76
C PHE A 136 -15.08 5.28 29.35
N PRO A 137 -15.08 6.12 28.29
CA PRO A 137 -16.31 6.82 27.89
C PRO A 137 -17.36 5.93 27.28
N ASN A 138 -18.61 6.10 27.70
CA ASN A 138 -19.75 5.36 27.17
C ASN A 138 -20.72 6.34 26.52
N LEU A 139 -21.39 5.92 25.44
CA LEU A 139 -22.42 6.76 24.80
C LEU A 139 -23.64 6.75 25.73
N ASP A 140 -24.33 7.92 25.91
CA ASP A 140 -25.49 8.00 26.80
C ASP A 140 -26.58 7.00 26.44
N ASP A 141 -27.32 6.51 27.46
CA ASP A 141 -28.41 5.57 27.26
C ASP A 141 -29.46 6.18 26.32
N TRP A 142 -30.03 5.34 25.44
CA TRP A 142 -30.99 5.80 24.44
C TRP A 142 -32.03 4.74 24.12
N GLN A 143 -33.09 5.15 23.41
CA GLN A 143 -34.21 4.29 23.06
C GLN A 143 -34.40 4.17 21.55
N SER A 144 -34.63 2.95 21.10
CA SER A 144 -34.82 2.57 19.70
C SER A 144 -36.25 2.91 19.27
N GLU A 145 -36.39 3.57 18.12
CA GLU A 145 -37.65 3.97 17.52
C GLU A 145 -37.99 3.08 16.32
N VAL A 146 -36.96 2.72 15.52
CA VAL A 146 -37.06 1.91 14.31
C VAL A 146 -36.17 0.66 14.49
N GLU A 147 -36.64 -0.50 13.99
CA GLU A 147 -35.89 -1.74 14.02
CA GLU A 147 -35.92 -1.78 14.06
C GLU A 147 -36.22 -2.61 12.82
N PHE A 148 -35.18 -3.14 12.15
CA PHE A 148 -35.32 -4.01 10.97
C PHE A 148 -34.06 -4.83 10.79
N THR A 149 -34.19 -5.96 10.11
CA THR A 149 -33.08 -6.86 9.81
C THR A 149 -32.99 -6.99 8.31
N LEU A 150 -31.76 -7.11 7.79
CA LEU A 150 -31.52 -7.25 6.36
C LEU A 150 -30.24 -8.04 6.13
N PRO A 151 -30.04 -8.64 4.93
CA PRO A 151 -28.78 -9.34 4.68
C PRO A 151 -27.64 -8.31 4.67
N GLN A 152 -26.46 -8.71 5.17
CA GLN A 152 -25.25 -7.89 5.18
C GLN A 152 -24.92 -7.40 3.77
N ALA A 153 -25.08 -8.27 2.75
CA ALA A 153 -24.81 -7.99 1.33
C ALA A 153 -25.65 -6.85 0.78
N THR A 154 -26.90 -6.73 1.24
CA THR A 154 -27.80 -5.64 0.86
C THR A 154 -27.26 -4.32 1.43
N MET A 155 -26.89 -4.30 2.74
CA MET A 155 -26.36 -3.09 3.38
C MET A 155 -25.05 -2.66 2.74
N LYS A 156 -24.18 -3.64 2.40
CA LYS A 156 -22.90 -3.40 1.71
C LYS A 156 -23.17 -2.74 0.35
N ARG A 157 -24.06 -3.34 -0.46
CA ARG A 157 -24.45 -2.78 -1.76
C ARG A 157 -24.93 -1.31 -1.61
N LEU A 158 -25.81 -1.02 -0.64
CA LEU A 158 -26.32 0.34 -0.40
C LEU A 158 -25.23 1.34 -0.10
N ILE A 159 -24.30 0.98 0.82
CA ILE A 159 -23.19 1.86 1.19
C ILE A 159 -22.20 2.02 0.05
N GLU A 160 -21.79 0.89 -0.55
CA GLU A 160 -20.83 0.96 -1.67
C GLU A 160 -21.36 1.73 -2.88
N ALA A 161 -22.68 1.69 -3.16
CA ALA A 161 -23.24 2.41 -4.31
C ALA A 161 -23.21 3.93 -4.15
N THR A 162 -23.03 4.45 -2.91
CA THR A 162 -23.13 5.89 -2.66
C THR A 162 -22.00 6.56 -1.88
N GLN A 163 -21.25 5.78 -1.06
CA GLN A 163 -20.22 6.28 -0.14
C GLN A 163 -19.26 7.31 -0.79
N PHE A 164 -18.82 7.06 -2.04
CA PHE A 164 -17.84 7.96 -2.69
C PHE A 164 -18.36 9.41 -2.88
N SER A 165 -19.71 9.61 -2.90
CA SER A 165 -20.32 10.93 -3.09
C SER A 165 -20.46 11.74 -1.80
N MET A 166 -20.08 11.19 -0.64
CA MET A 166 -20.17 11.96 0.62
C MET A 166 -19.15 13.08 0.57
N ALA A 167 -19.44 14.19 1.25
CA ALA A 167 -18.46 15.26 1.36
C ALA A 167 -17.45 14.85 2.45
N HIS A 168 -16.29 15.51 2.46
CA HIS A 168 -15.24 15.38 3.47
C HIS A 168 -15.07 16.83 3.94
N GLN A 169 -15.15 17.06 5.24
CA GLN A 169 -14.90 18.39 5.82
C GLN A 169 -15.72 19.58 5.25
N ASP A 170 -16.93 19.35 4.69
CA ASP A 170 -17.71 20.50 4.17
C ASP A 170 -18.23 21.27 5.38
N VAL A 171 -18.37 22.60 5.26
CA VAL A 171 -18.91 23.44 6.35
C VAL A 171 -20.39 23.04 6.65
N ARG A 172 -21.11 22.52 5.63
CA ARG A 172 -22.46 22.00 5.77
C ARG A 172 -22.25 20.57 6.30
N TYR A 173 -22.05 20.47 7.63
CA TYR A 173 -21.63 19.25 8.31
C TYR A 173 -22.51 18.02 8.02
N TYR A 174 -23.83 18.20 7.73
CA TYR A 174 -24.78 17.16 7.36
C TYR A 174 -24.39 16.45 6.04
N LEU A 175 -23.50 17.06 5.20
CA LEU A 175 -22.99 16.46 3.95
C LEU A 175 -21.82 15.50 4.18
N ASN A 176 -21.14 15.61 5.37
CA ASN A 176 -20.00 14.75 5.73
C ASN A 176 -20.55 13.49 6.42
N GLY A 177 -21.45 12.87 5.72
CA GLY A 177 -22.11 11.66 6.19
C GLY A 177 -23.03 11.12 5.14
N MET A 178 -23.86 10.18 5.54
CA MET A 178 -24.75 9.51 4.61
C MET A 178 -26.14 9.40 5.19
N LEU A 179 -27.12 9.73 4.37
CA LEU A 179 -28.51 9.59 4.76
C LEU A 179 -28.92 8.14 4.64
N PHE A 180 -29.54 7.64 5.72
CA PHE A 180 -30.15 6.31 5.83
C PHE A 180 -31.64 6.57 5.96
N GLU A 181 -32.39 6.08 4.99
CA GLU A 181 -33.80 6.37 4.91
C GLU A 181 -34.64 5.13 4.71
N THR A 182 -35.69 4.97 5.55
CA THR A 182 -36.64 3.86 5.38
C THR A 182 -37.92 4.45 4.80
N GLU A 183 -38.47 3.83 3.75
CA GLU A 183 -39.74 4.28 3.12
C GLU A 183 -40.43 3.08 2.50
N GLY A 184 -41.68 2.85 2.91
CA GLY A 184 -42.46 1.70 2.45
C GLY A 184 -41.81 0.41 2.89
N GLU A 185 -41.26 -0.34 1.92
CA GLU A 185 -40.55 -1.57 2.21
C GLU A 185 -39.07 -1.46 1.86
N GLU A 186 -38.56 -0.22 1.64
CA GLU A 186 -37.17 -0.02 1.22
C GLU A 186 -36.27 0.71 2.18
N LEU A 187 -34.98 0.37 2.09
CA LEU A 187 -33.94 1.08 2.79
C LEU A 187 -33.16 1.78 1.69
N ARG A 188 -32.90 3.05 1.89
CA ARG A 188 -32.23 3.90 0.95
C ARG A 188 -31.07 4.64 1.58
N THR A 189 -30.01 4.81 0.78
CA THR A 189 -28.88 5.63 1.13
C THR A 189 -28.77 6.76 0.12
N VAL A 190 -28.41 7.93 0.63
CA VAL A 190 -28.19 9.13 -0.19
C VAL A 190 -26.87 9.77 0.29
N ALA A 191 -26.00 10.14 -0.66
CA ALA A 191 -24.77 10.87 -0.35
C ALA A 191 -24.54 11.92 -1.38
N THR A 192 -24.12 13.14 -0.94
CA THR A 192 -23.88 14.28 -1.81
C THR A 192 -22.87 15.25 -1.20
N ASP A 193 -22.12 15.94 -2.06
CA ASP A 193 -21.13 16.91 -1.57
C ASP A 193 -21.40 18.31 -2.12
N GLY A 194 -22.56 18.48 -2.75
CA GLY A 194 -22.94 19.75 -3.34
C GLY A 194 -22.58 19.89 -4.81
N HIS A 195 -21.79 18.94 -5.37
CA HIS A 195 -21.43 18.93 -6.78
C HIS A 195 -22.00 17.70 -7.47
N ARG A 196 -22.06 16.60 -6.73
CA ARG A 196 -22.59 15.35 -7.24
C ARG A 196 -23.35 14.63 -6.16
N LEU A 197 -24.24 13.71 -6.55
CA LEU A 197 -25.10 13.01 -5.60
C LEU A 197 -25.26 11.59 -6.10
N ALA A 198 -25.36 10.67 -5.15
CA ALA A 198 -25.59 9.24 -5.39
C ALA A 198 -26.77 8.79 -4.53
N VAL A 199 -27.70 8.01 -5.11
CA VAL A 199 -28.87 7.49 -4.37
C VAL A 199 -29.11 6.04 -4.75
N CYS A 200 -29.29 5.18 -3.75
CA CYS A 200 -29.54 3.76 -3.95
C CYS A 200 -30.63 3.31 -2.99
N SER A 201 -31.53 2.43 -3.43
CA SER A 201 -32.55 1.88 -2.55
C SER A 201 -32.75 0.41 -2.86
N MET A 202 -33.01 -0.36 -1.81
CA MET A 202 -33.19 -1.81 -1.93
C MET A 202 -34.43 -2.27 -1.18
N PRO A 203 -35.19 -3.26 -1.70
CA PRO A 203 -36.32 -3.81 -0.92
C PRO A 203 -35.84 -4.62 0.29
N ILE A 204 -36.45 -4.40 1.44
CA ILE A 204 -36.15 -5.01 2.75
C ILE A 204 -37.15 -6.16 3.09
N GLY A 205 -38.30 -6.19 2.40
CA GLY A 205 -39.34 -7.20 2.62
C GLY A 205 -40.10 -7.10 3.94
N GLN A 206 -40.07 -5.92 4.58
CA GLN A 206 -40.77 -5.60 5.84
C GLN A 206 -41.35 -4.20 5.62
N SER A 207 -42.64 -3.97 6.01
CA SER A 207 -43.24 -2.64 5.93
C SER A 207 -42.55 -1.85 7.02
N LEU A 208 -42.08 -0.67 6.67
CA LEU A 208 -41.29 0.14 7.57
C LEU A 208 -41.89 1.50 7.83
N PRO A 209 -41.67 2.10 9.00
CA PRO A 209 -42.10 3.49 9.17
C PRO A 209 -41.17 4.37 8.33
N SER A 210 -41.59 5.61 8.06
CA SER A 210 -40.77 6.55 7.31
C SER A 210 -39.87 7.26 8.28
N HIS A 211 -38.55 7.10 8.09
CA HIS A 211 -37.54 7.66 8.97
C HIS A 211 -36.29 7.97 8.16
N SER A 212 -35.61 9.07 8.51
CA SER A 212 -34.38 9.53 7.82
C SER A 212 -33.40 10.02 8.88
N VAL A 213 -32.18 9.45 8.86
CA VAL A 213 -31.10 9.81 9.77
C VAL A 213 -29.81 9.97 8.97
N ILE A 214 -28.93 10.85 9.46
CA ILE A 214 -27.60 11.06 8.88
C ILE A 214 -26.58 10.35 9.77
N VAL A 215 -25.85 9.42 9.17
CA VAL A 215 -24.76 8.68 9.82
C VAL A 215 -23.45 9.43 9.51
N PRO A 216 -22.60 9.75 10.52
CA PRO A 216 -21.30 10.41 10.23
C PRO A 216 -20.42 9.57 9.29
N ARG A 217 -19.65 10.23 8.42
CA ARG A 217 -18.82 9.51 7.43
C ARG A 217 -17.88 8.47 8.03
N LYS A 218 -17.30 8.75 9.23
CA LYS A 218 -16.40 7.78 9.88
C LYS A 218 -17.16 6.54 10.32
N GLY A 219 -18.43 6.73 10.69
CA GLY A 219 -19.37 5.67 11.09
C GLY A 219 -19.81 4.83 9.91
N VAL A 220 -20.07 5.47 8.76
CA VAL A 220 -20.42 4.81 7.49
C VAL A 220 -19.30 3.81 7.11
N ILE A 221 -18.04 4.28 7.16
CA ILE A 221 -16.82 3.51 6.79
C ILE A 221 -16.62 2.34 7.73
N GLU A 222 -16.76 2.58 9.03
CA GLU A 222 -16.67 1.55 10.06
C GLU A 222 -17.75 0.48 9.87
N LEU A 223 -19.01 0.93 9.70
CA LEU A 223 -20.15 0.03 9.45
C LEU A 223 -19.85 -0.83 8.20
N MET A 224 -19.30 -0.18 7.16
CA MET A 224 -18.91 -0.81 5.93
C MET A 224 -17.86 -1.92 6.20
N ARG A 225 -16.86 -1.62 7.06
CA ARG A 225 -15.77 -2.51 7.48
C ARG A 225 -16.24 -3.76 8.25
N MET A 226 -17.33 -3.64 9.02
CA MET A 226 -17.82 -4.76 9.81
C MET A 226 -18.65 -5.76 8.99
N LEU A 227 -18.94 -5.44 7.73
CA LEU A 227 -19.73 -6.32 6.92
C LEU A 227 -18.82 -7.20 6.11
N ASP A 228 -18.84 -8.49 6.44
CA ASP A 228 -18.07 -9.55 5.80
C ASP A 228 -18.87 -10.20 4.65
N GLY A 229 -20.03 -9.62 4.33
CA GLY A 229 -20.95 -10.09 3.29
C GLY A 229 -21.58 -11.44 3.62
N GLY A 230 -21.08 -12.05 4.70
CA GLY A 230 -21.49 -13.36 5.20
C GLY A 230 -22.95 -13.46 5.55
N ASP A 231 -23.44 -14.69 5.66
CA ASP A 231 -24.84 -15.02 5.90
C ASP A 231 -25.38 -14.61 7.29
N ASN A 232 -24.52 -14.11 8.20
CA ASN A 232 -24.98 -13.59 9.50
C ASN A 232 -25.85 -12.36 9.19
N PRO A 233 -27.16 -12.32 9.51
CA PRO A 233 -27.96 -11.14 9.14
C PRO A 233 -27.57 -9.90 9.94
N LEU A 234 -27.88 -8.72 9.39
CA LEU A 234 -27.61 -7.47 10.07
C LEU A 234 -28.91 -6.95 10.71
N ARG A 235 -28.89 -6.66 12.03
CA ARG A 235 -30.05 -6.08 12.72
C ARG A 235 -29.75 -4.60 12.99
N VAL A 236 -30.60 -3.70 12.48
CA VAL A 236 -30.41 -2.25 12.66
C VAL A 236 -31.46 -1.71 13.63
N GLN A 237 -31.04 -0.82 14.54
CA GLN A 237 -31.91 -0.12 15.47
C GLN A 237 -31.60 1.36 15.34
N ILE A 238 -32.64 2.19 15.15
CA ILE A 238 -32.47 3.62 14.98
C ILE A 238 -33.23 4.36 16.06
N GLY A 239 -32.54 5.29 16.71
CA GLY A 239 -33.10 6.16 17.74
C GLY A 239 -33.15 7.57 17.20
N SER A 240 -33.43 8.54 18.07
CA SER A 240 -33.51 9.94 17.67
C SER A 240 -32.12 10.52 17.41
N ASN A 241 -31.12 10.10 18.22
CA ASN A 241 -29.73 10.61 18.14
C ASN A 241 -28.67 9.52 17.93
N ASN A 242 -29.11 8.25 17.70
CA ASN A 242 -28.19 7.14 17.53
C ASN A 242 -28.68 6.11 16.52
N ILE A 243 -27.76 5.34 15.97
CA ILE A 243 -27.98 4.18 15.09
C ILE A 243 -27.14 3.08 15.71
N ARG A 244 -27.58 1.84 15.61
CA ARG A 244 -26.91 0.67 16.13
C ARG A 244 -27.08 -0.48 15.15
N ALA A 245 -25.98 -1.17 14.86
CA ALA A 245 -25.99 -2.33 13.98
C ALA A 245 -25.41 -3.53 14.72
N HIS A 246 -26.13 -4.67 14.70
N HIS A 246 -26.15 -4.65 14.73
CA HIS A 246 -25.70 -5.91 15.34
CA HIS A 246 -25.73 -5.92 15.34
C HIS A 246 -25.43 -6.95 14.24
C HIS A 246 -25.42 -6.90 14.20
N VAL A 247 -24.16 -7.36 14.08
CA VAL A 247 -23.72 -8.36 13.09
C VAL A 247 -22.96 -9.45 13.87
N GLY A 248 -23.51 -10.66 13.92
CA GLY A 248 -22.93 -11.79 14.64
C GLY A 248 -22.64 -11.43 16.08
N ASP A 249 -21.35 -11.43 16.47
CA ASP A 249 -20.95 -11.07 17.85
C ASP A 249 -20.54 -9.61 18.01
N PHE A 250 -20.78 -8.79 16.98
CA PHE A 250 -20.40 -7.37 17.01
C PHE A 250 -21.58 -6.43 17.11
N ILE A 251 -21.40 -5.32 17.85
CA ILE A 251 -22.39 -4.27 18.01
C ILE A 251 -21.72 -2.92 17.74
N PHE A 252 -22.14 -2.25 16.66
CA PHE A 252 -21.65 -0.93 16.31
C PHE A 252 -22.73 0.11 16.68
N THR A 253 -22.33 1.20 17.34
CA THR A 253 -23.25 2.29 17.71
C THR A 253 -22.58 3.58 17.33
N SER A 254 -23.32 4.49 16.72
CA SER A 254 -22.80 5.81 16.36
C SER A 254 -23.84 6.86 16.74
N LYS A 255 -23.38 8.07 17.07
CA LYS A 255 -24.25 9.23 17.26
C LYS A 255 -24.65 9.63 15.81
N LEU A 256 -25.75 10.34 15.64
CA LEU A 256 -26.19 10.78 14.30
C LEU A 256 -25.81 12.26 14.10
N VAL A 257 -25.84 12.73 12.84
CA VAL A 257 -25.50 14.12 12.51
C VAL A 257 -26.82 14.88 12.51
N ASP A 258 -26.91 15.93 13.32
CA ASP A 258 -28.14 16.70 13.46
C ASP A 258 -28.16 17.89 12.52
N GLY A 259 -28.77 17.72 11.33
CA GLY A 259 -28.98 18.74 10.30
C GLY A 259 -30.11 18.39 9.33
N ARG A 260 -30.36 19.24 8.31
CA ARG A 260 -31.37 19.04 7.24
C ARG A 260 -30.73 18.52 5.95
N PHE A 261 -30.81 17.22 5.71
CA PHE A 261 -30.18 16.64 4.53
C PHE A 261 -30.90 17.08 3.25
N PRO A 262 -30.20 17.32 2.12
CA PRO A 262 -30.93 17.65 0.88
C PRO A 262 -31.87 16.50 0.45
N ASP A 263 -32.89 16.85 -0.34
CA ASP A 263 -33.89 15.91 -0.82
C ASP A 263 -33.54 15.48 -2.22
N TYR A 264 -33.13 14.21 -2.41
CA TYR A 264 -32.75 13.69 -3.73
C TYR A 264 -33.85 13.86 -4.78
N ARG A 265 -35.14 13.73 -4.36
CA ARG A 265 -36.30 13.87 -5.24
C ARG A 265 -36.31 15.21 -5.98
N ARG A 266 -35.75 16.25 -5.34
CA ARG A 266 -35.64 17.59 -5.91
C ARG A 266 -34.33 17.86 -6.64
N VAL A 267 -33.34 16.98 -6.46
CA VAL A 267 -32.02 17.05 -7.09
C VAL A 267 -32.03 16.32 -8.46
N LEU A 268 -32.76 15.21 -8.57
CA LEU A 268 -32.86 14.47 -9.84
C LEU A 268 -33.37 15.41 -10.97
N PRO A 269 -32.69 15.46 -12.14
CA PRO A 269 -33.18 16.31 -13.25
C PRO A 269 -34.65 16.05 -13.58
N LYS A 270 -35.44 17.14 -13.68
CA LYS A 270 -36.89 17.08 -13.90
C LYS A 270 -37.30 16.29 -15.18
N ASN A 271 -36.81 16.72 -16.36
CA ASN A 271 -37.12 16.04 -17.64
C ASN A 271 -35.87 15.91 -18.52
N PRO A 272 -34.93 15.01 -18.15
CA PRO A 272 -33.72 14.87 -18.97
C PRO A 272 -34.06 14.12 -20.27
N ASP A 273 -34.52 14.88 -21.27
CA ASP A 273 -34.97 14.39 -22.59
C ASP A 273 -33.90 13.73 -23.51
N LYS A 274 -32.60 14.11 -23.41
CA LYS A 274 -31.51 13.58 -24.26
C LYS A 274 -30.87 12.34 -23.64
N HIS A 275 -31.19 11.15 -24.16
CA HIS A 275 -30.69 9.89 -23.63
C HIS A 275 -29.57 9.32 -24.47
N LEU A 276 -28.44 9.03 -23.81
CA LEU A 276 -27.25 8.45 -24.44
C LEU A 276 -26.97 7.09 -23.79
N GLU A 277 -26.76 6.07 -24.61
CA GLU A 277 -26.45 4.73 -24.10
C GLU A 277 -25.16 4.22 -24.69
N ALA A 278 -24.32 3.63 -23.84
CA ALA A 278 -23.00 3.13 -24.22
C ALA A 278 -22.53 2.09 -23.20
N GLY A 279 -21.53 1.31 -23.60
CA GLY A 279 -20.90 0.33 -22.72
C GLY A 279 -20.23 1.03 -21.56
N CYS A 280 -20.41 0.49 -20.35
CA CYS A 280 -19.84 1.05 -19.14
C CYS A 280 -18.30 1.05 -19.15
N ASP A 281 -17.67 -0.08 -19.50
CA ASP A 281 -16.21 -0.21 -19.58
C ASP A 281 -15.58 0.67 -20.64
N LEU A 282 -16.15 0.68 -21.86
CA LEU A 282 -15.66 1.52 -22.97
C LEU A 282 -15.74 3.02 -22.61
N LEU A 283 -16.83 3.44 -21.98
CA LEU A 283 -17.03 4.83 -21.54
C LEU A 283 -16.02 5.16 -20.44
N LYS A 284 -15.84 4.25 -19.48
CA LYS A 284 -14.90 4.42 -18.35
C LYS A 284 -13.43 4.50 -18.81
N GLN A 285 -13.03 3.62 -19.74
CA GLN A 285 -11.66 3.61 -20.28
C GLN A 285 -11.36 4.86 -21.10
N ALA A 286 -12.37 5.38 -21.85
CA ALA A 286 -12.18 6.58 -22.66
C ALA A 286 -12.04 7.79 -21.73
N PHE A 287 -12.89 7.89 -20.68
CA PHE A 287 -12.77 8.99 -19.71
C PHE A 287 -11.45 8.87 -18.94
N ALA A 288 -11.02 7.64 -18.57
CA ALA A 288 -9.76 7.46 -17.82
C ALA A 288 -8.51 7.85 -18.65
N ARG A 289 -8.50 7.59 -19.95
CA ARG A 289 -7.38 8.02 -20.83
C ARG A 289 -7.42 9.55 -21.02
N ALA A 290 -8.61 10.13 -21.25
CA ALA A 290 -8.75 11.59 -21.44
C ALA A 290 -8.28 12.37 -20.18
N ALA A 291 -8.55 11.81 -18.98
CA ALA A 291 -8.17 12.36 -17.66
C ALA A 291 -6.65 12.62 -17.54
N ILE A 292 -5.81 11.78 -18.17
CA ILE A 292 -4.36 11.93 -18.15
C ILE A 292 -3.93 13.35 -18.59
N LEU A 293 -4.63 13.90 -19.61
CA LEU A 293 -4.25 15.21 -20.13
C LEU A 293 -5.18 16.32 -19.68
N SER A 294 -5.95 16.07 -18.61
CA SER A 294 -6.80 17.11 -18.03
C SER A 294 -5.99 17.93 -17.04
N ASN A 295 -6.46 19.12 -16.73
CA ASN A 295 -5.87 20.02 -15.72
C ASN A 295 -5.83 19.29 -14.36
N GLU A 296 -4.66 19.21 -13.72
CA GLU A 296 -4.47 18.47 -12.44
C GLU A 296 -5.31 19.00 -11.29
N LYS A 297 -5.56 20.31 -11.28
CA LYS A 297 -6.37 20.92 -10.24
C LYS A 297 -7.89 20.86 -10.58
N PHE A 298 -8.31 21.35 -11.78
CA PHE A 298 -9.72 21.47 -12.18
C PHE A 298 -10.35 20.19 -12.81
N ARG A 299 -9.53 19.32 -13.42
CA ARG A 299 -9.94 18.00 -13.95
C ARG A 299 -11.06 18.04 -15.01
N GLY A 300 -11.18 19.18 -15.67
CA GLY A 300 -12.23 19.37 -16.66
C GLY A 300 -12.06 18.60 -17.95
N VAL A 301 -13.14 17.96 -18.38
CA VAL A 301 -13.27 17.29 -19.69
C VAL A 301 -14.47 17.90 -20.40
N ARG A 302 -14.43 17.93 -21.72
CA ARG A 302 -15.50 18.47 -22.57
C ARG A 302 -16.13 17.29 -23.34
N LEU A 303 -17.47 17.16 -23.28
CA LEU A 303 -18.21 16.11 -23.99
C LEU A 303 -19.02 16.79 -25.12
N TYR A 304 -18.95 16.26 -26.33
CA TYR A 304 -19.74 16.72 -27.47
C TYR A 304 -20.54 15.52 -27.92
N VAL A 305 -21.88 15.63 -27.82
CA VAL A 305 -22.79 14.58 -28.24
C VAL A 305 -23.43 14.96 -29.57
N SER A 306 -23.40 14.02 -30.49
CA SER A 306 -23.97 14.15 -31.83
C SER A 306 -24.56 12.78 -32.16
N GLU A 307 -25.22 12.65 -33.32
CA GLU A 307 -25.86 11.39 -33.73
C GLU A 307 -24.96 10.16 -33.57
N ASN A 308 -25.34 9.27 -32.67
CA ASN A 308 -24.64 8.02 -32.37
C ASN A 308 -23.12 8.19 -32.10
N GLN A 309 -22.75 9.34 -31.50
CA GLN A 309 -21.36 9.65 -31.22
C GLN A 309 -21.17 10.49 -30.00
N LEU A 310 -20.14 10.15 -29.21
CA LEU A 310 -19.66 10.94 -28.09
C LEU A 310 -18.16 11.26 -28.38
N LYS A 311 -17.77 12.52 -28.24
CA LYS A 311 -16.38 12.96 -28.36
C LYS A 311 -15.99 13.52 -27.00
N ILE A 312 -14.90 12.99 -26.39
CA ILE A 312 -14.40 13.47 -25.09
C ILE A 312 -13.10 14.17 -25.35
N THR A 313 -12.96 15.42 -24.89
CA THR A 313 -11.70 16.14 -25.05
C THR A 313 -11.22 16.65 -23.69
N ALA A 314 -9.90 16.64 -23.48
CA ALA A 314 -9.25 17.19 -22.29
C ALA A 314 -8.02 17.96 -22.69
N ASN A 315 -7.76 19.09 -22.03
CA ASN A 315 -6.52 19.82 -22.25
C ASN A 315 -6.01 20.36 -20.91
N ASN A 316 -4.71 20.60 -20.82
CA ASN A 316 -4.09 21.04 -19.59
C ASN A 316 -3.34 22.39 -19.82
N PRO A 317 -2.66 23.00 -18.82
CA PRO A 317 -2.01 24.29 -19.08
C PRO A 317 -0.80 24.22 -20.04
N GLU A 318 -0.21 23.02 -20.20
CA GLU A 318 0.92 22.82 -21.14
C GLU A 318 0.43 22.71 -22.59
N GLN A 319 -0.88 22.86 -22.82
CA GLN A 319 -1.57 22.78 -24.13
C GLN A 319 -1.54 21.36 -24.71
N GLU A 320 -1.33 20.35 -23.84
CA GLU A 320 -1.39 18.94 -24.22
C GLU A 320 -2.88 18.61 -24.41
N GLU A 321 -3.23 17.66 -25.30
CA GLU A 321 -4.64 17.38 -25.55
CA GLU A 321 -4.63 17.38 -25.59
C GLU A 321 -4.93 15.90 -25.75
N ALA A 322 -6.06 15.44 -25.20
CA ALA A 322 -6.54 14.08 -25.37
C ALA A 322 -7.88 14.17 -26.06
N GLU A 323 -8.13 13.30 -27.03
CA GLU A 323 -9.40 13.21 -27.73
C GLU A 323 -9.80 11.74 -27.86
N GLU A 324 -11.02 11.44 -27.48
CA GLU A 324 -11.60 10.10 -27.57
C GLU A 324 -12.91 10.24 -28.34
N ILE A 325 -13.13 9.42 -29.34
CA ILE A 325 -14.37 9.36 -30.08
C ILE A 325 -14.94 7.97 -29.83
N LEU A 326 -16.22 7.90 -29.45
CA LEU A 326 -16.92 6.63 -29.14
C LEU A 326 -18.19 6.50 -29.93
N ASP A 327 -18.53 5.27 -30.32
CA ASP A 327 -19.81 4.97 -30.96
C ASP A 327 -20.77 4.74 -29.81
N VAL A 328 -21.90 5.45 -29.81
CA VAL A 328 -22.88 5.37 -28.72
C VAL A 328 -24.28 5.35 -29.34
N THR A 329 -25.31 5.18 -28.51
CA THR A 329 -26.67 5.31 -28.99
C THR A 329 -27.13 6.68 -28.55
N TYR A 330 -27.39 7.56 -29.53
CA TYR A 330 -27.84 8.92 -29.30
C TYR A 330 -28.53 9.49 -30.51
N SER A 331 -29.78 9.96 -30.32
CA SER A 331 -30.61 10.58 -31.36
C SER A 331 -31.07 12.01 -31.07
N GLY A 332 -30.72 12.56 -29.91
CA GLY A 332 -31.12 13.92 -29.55
C GLY A 332 -30.39 15.05 -30.27
N ALA A 333 -30.65 16.28 -29.82
CA ALA A 333 -30.03 17.50 -30.34
C ALA A 333 -28.54 17.53 -29.95
N GLU A 334 -27.70 18.06 -30.82
CA GLU A 334 -26.26 18.19 -30.54
C GLU A 334 -26.04 19.13 -29.38
N MET A 335 -25.10 18.77 -28.50
CA MET A 335 -24.74 19.62 -27.35
C MET A 335 -23.35 19.35 -26.85
N GLU A 336 -22.79 20.37 -26.22
CA GLU A 336 -21.50 20.38 -25.59
C GLU A 336 -21.71 20.53 -24.08
N ILE A 337 -20.95 19.79 -23.25
CA ILE A 337 -21.10 19.89 -21.78
C ILE A 337 -19.78 19.56 -21.10
N GLY A 338 -19.41 20.34 -20.09
CA GLY A 338 -18.16 20.09 -19.35
C GLY A 338 -18.38 19.40 -18.02
N PHE A 339 -17.43 18.55 -17.61
CA PHE A 339 -17.50 17.86 -16.31
C PHE A 339 -16.13 17.69 -15.66
N ASN A 340 -16.11 17.55 -14.32
CA ASN A 340 -14.89 17.16 -13.59
C ASN A 340 -14.83 15.65 -13.87
N VAL A 341 -13.77 15.20 -14.55
CA VAL A 341 -13.66 13.81 -14.99
C VAL A 341 -13.63 12.79 -13.81
N SER A 342 -13.11 13.19 -12.62
CA SER A 342 -13.05 12.30 -11.46
C SER A 342 -14.49 11.93 -10.99
N TYR A 343 -15.42 12.90 -11.04
CA TYR A 343 -16.82 12.70 -10.65
C TYR A 343 -17.47 11.70 -11.62
N VAL A 344 -17.17 11.81 -12.93
CA VAL A 344 -17.74 10.89 -13.95
C VAL A 344 -17.19 9.48 -13.73
N LEU A 345 -15.86 9.35 -13.60
CA LEU A 345 -15.15 8.08 -13.35
C LEU A 345 -15.62 7.41 -12.07
N ASP A 346 -15.82 8.21 -10.98
CA ASP A 346 -16.36 7.66 -9.71
C ASP A 346 -17.67 6.93 -9.93
N VAL A 347 -18.59 7.56 -10.71
CA VAL A 347 -19.91 6.99 -11.03
C VAL A 347 -19.75 5.69 -11.84
N LEU A 348 -18.97 5.72 -12.91
CA LEU A 348 -18.74 4.54 -13.79
C LEU A 348 -18.12 3.38 -13.03
N ASN A 349 -17.18 3.68 -12.11
CA ASN A 349 -16.53 2.70 -11.22
C ASN A 349 -17.53 2.11 -10.25
N ALA A 350 -18.48 2.91 -9.74
CA ALA A 350 -19.55 2.42 -8.84
C ALA A 350 -20.58 1.55 -9.57
N LEU A 351 -20.86 1.85 -10.85
CA LEU A 351 -21.79 1.13 -11.68
C LEU A 351 -21.05 -0.08 -12.24
N LYS A 352 -21.21 -1.21 -11.62
CA LYS A 352 -20.46 -2.39 -12.06
C LYS A 352 -21.36 -3.19 -12.99
N CYS A 353 -21.68 -2.60 -14.16
CA CYS A 353 -22.66 -3.12 -15.13
C CYS A 353 -22.15 -3.09 -16.55
N GLU A 354 -22.93 -3.64 -17.48
CA GLU A 354 -22.52 -3.74 -18.88
C GLU A 354 -22.77 -2.45 -19.61
N ASN A 355 -23.99 -1.88 -19.46
CA ASN A 355 -24.38 -0.66 -20.16
C ASN A 355 -24.84 0.43 -19.25
N VAL A 356 -24.51 1.66 -19.67
CA VAL A 356 -24.90 2.87 -18.94
CA VAL A 356 -24.82 2.90 -18.96
C VAL A 356 -25.79 3.77 -19.79
N ARG A 357 -26.64 4.53 -19.11
CA ARG A 357 -27.54 5.51 -19.70
C ARG A 357 -27.23 6.86 -19.01
N MET A 358 -26.92 7.88 -19.81
CA MET A 358 -26.69 9.26 -19.38
C MET A 358 -27.86 10.05 -19.94
N MET A 359 -28.55 10.74 -19.06
CA MET A 359 -29.76 11.51 -19.36
C MET A 359 -29.46 12.98 -19.16
N LEU A 360 -29.38 13.70 -20.29
CA LEU A 360 -28.99 15.10 -20.39
C LEU A 360 -30.14 16.05 -20.70
N THR A 361 -29.97 17.32 -20.30
CA THR A 361 -30.91 18.40 -20.53
C THR A 361 -30.23 19.46 -21.42
N ASP A 362 -29.25 20.20 -20.88
CA ASP A 362 -28.51 21.23 -21.59
C ASP A 362 -27.13 21.40 -20.94
N SER A 363 -26.32 22.33 -21.45
CA SER A 363 -24.94 22.61 -21.03
C SER A 363 -24.78 23.10 -19.61
N VAL A 364 -25.84 23.65 -19.01
CA VAL A 364 -25.74 24.23 -17.67
C VAL A 364 -26.44 23.43 -16.63
N SER A 365 -26.98 22.26 -17.03
CA SER A 365 -27.78 21.42 -16.15
C SER A 365 -27.15 20.10 -15.81
N SER A 366 -27.49 19.59 -14.64
CA SER A 366 -26.99 18.32 -14.14
C SER A 366 -27.33 17.17 -15.08
N VAL A 367 -26.55 16.09 -14.98
CA VAL A 367 -26.75 14.87 -15.76
C VAL A 367 -27.12 13.79 -14.80
N GLN A 368 -27.99 12.89 -15.21
CA GLN A 368 -28.34 11.73 -14.41
C GLN A 368 -27.76 10.54 -15.14
N ILE A 369 -27.06 9.67 -14.39
CA ILE A 369 -26.40 8.49 -14.92
C ILE A 369 -26.88 7.30 -14.15
N GLU A 370 -27.15 6.22 -14.86
CA GLU A 370 -27.59 4.98 -14.28
C GLU A 370 -27.25 3.78 -15.15
N ASP A 371 -27.34 2.60 -14.55
CA ASP A 371 -27.21 1.32 -15.24
C ASP A 371 -28.41 1.28 -16.21
N ALA A 372 -28.16 1.02 -17.51
CA ALA A 372 -29.25 0.97 -18.48
C ALA A 372 -30.29 -0.15 -18.17
N ALA A 373 -29.89 -1.14 -17.38
CA ALA A 373 -30.71 -2.32 -17.03
C ALA A 373 -31.32 -2.29 -15.63
N SER A 374 -31.02 -1.26 -14.80
CA SER A 374 -31.50 -1.19 -13.43
C SER A 374 -31.63 0.23 -12.92
N GLN A 375 -32.74 0.51 -12.27
CA GLN A 375 -33.05 1.83 -11.73
C GLN A 375 -32.89 1.87 -10.20
N SER A 376 -32.24 0.85 -9.61
CA SER A 376 -32.03 0.79 -8.14
C SER A 376 -31.13 1.91 -7.61
N ALA A 377 -30.14 2.35 -8.41
CA ALA A 377 -29.24 3.44 -8.05
C ALA A 377 -29.33 4.53 -9.11
N ALA A 378 -29.16 5.79 -8.71
CA ALA A 378 -29.17 6.90 -9.66
C ALA A 378 -28.07 7.84 -9.23
N TYR A 379 -27.39 8.43 -10.21
CA TYR A 379 -26.27 9.35 -9.93
C TYR A 379 -26.51 10.65 -10.63
N VAL A 380 -26.26 11.77 -9.95
CA VAL A 380 -26.50 13.11 -10.52
C VAL A 380 -25.21 13.88 -10.44
N VAL A 381 -24.71 14.41 -11.58
CA VAL A 381 -23.46 15.19 -11.61
C VAL A 381 -23.73 16.58 -12.17
N MET A 382 -23.31 17.63 -11.44
CA MET A 382 -23.47 18.99 -11.93
C MET A 382 -22.30 19.30 -12.88
N PRO A 383 -22.55 19.95 -14.05
CA PRO A 383 -21.44 20.25 -14.94
C PRO A 383 -20.52 21.36 -14.44
N MET A 384 -19.49 21.61 -15.24
CA MET A 384 -18.51 22.67 -15.08
C MET A 384 -18.78 23.66 -16.21
N ARG A 385 -18.52 24.97 -15.99
CA ARG A 385 -18.63 26.03 -17.01
C ARG A 385 -17.48 25.74 -18.00
N LEU A 386 -17.78 25.60 -19.30
CA LEU A 386 -16.74 25.36 -20.30
C LEU A 386 -15.97 26.65 -20.67
N SER B 19 14.60 14.03 -38.43
CA SER B 19 13.84 15.19 -37.94
C SER B 19 12.31 14.97 -37.84
N HIS B 20 11.77 13.84 -38.41
CA HIS B 20 10.35 13.55 -38.42
CA HIS B 20 10.33 13.57 -38.26
C HIS B 20 10.06 12.11 -37.87
N MET B 21 10.47 11.82 -36.63
CA MET B 21 10.35 10.55 -35.96
C MET B 21 8.97 9.96 -36.04
N LYS B 22 8.89 8.69 -36.44
CA LYS B 22 7.59 8.03 -36.54
C LYS B 22 7.77 6.54 -36.39
N PHE B 23 6.86 5.89 -35.66
CA PHE B 23 6.85 4.44 -35.46
C PHE B 23 5.44 3.96 -35.08
N THR B 24 5.20 2.66 -35.30
CA THR B 24 3.95 1.98 -34.95
C THR B 24 4.32 0.67 -34.27
N VAL B 25 3.91 0.48 -33.01
CA VAL B 25 4.24 -0.71 -32.22
CA VAL B 25 4.21 -0.74 -32.24
C VAL B 25 2.98 -1.24 -31.53
N GLU B 26 2.92 -2.57 -31.26
CA GLU B 26 1.81 -3.17 -30.53
C GLU B 26 1.99 -2.73 -29.08
N ARG B 27 0.89 -2.42 -28.37
CA ARG B 27 0.91 -2.00 -26.96
C ARG B 27 1.72 -2.93 -26.05
N GLU B 28 1.54 -4.26 -26.20
CA GLU B 28 2.19 -5.27 -25.36
C GLU B 28 3.72 -5.35 -25.51
N HIS B 29 4.29 -4.78 -26.59
CA HIS B 29 5.73 -4.71 -26.81
C HIS B 29 6.29 -3.39 -26.25
N LEU B 30 5.39 -2.46 -25.87
CA LEU B 30 5.78 -1.15 -25.36
C LEU B 30 5.68 -0.98 -23.85
N LEU B 31 4.71 -1.66 -23.21
CA LEU B 31 4.38 -1.55 -21.79
C LEU B 31 5.51 -1.87 -20.79
N LYS B 32 6.12 -3.08 -20.85
CA LYS B 32 7.21 -3.46 -19.94
C LYS B 32 8.43 -2.53 -20.16
N PRO B 33 8.88 -2.26 -21.42
CA PRO B 33 9.99 -1.29 -21.60
C PRO B 33 9.73 0.10 -21.02
N LEU B 34 8.47 0.61 -21.12
CA LEU B 34 8.11 1.93 -20.56
C LEU B 34 8.17 1.94 -19.03
N GLN B 35 7.65 0.87 -18.39
CA GLN B 35 7.66 0.73 -16.92
C GLN B 35 9.08 0.70 -16.40
N GLN B 36 9.94 -0.13 -17.01
CA GLN B 36 11.35 -0.28 -16.66
C GLN B 36 12.15 1.01 -16.72
N VAL B 37 12.21 1.66 -17.90
CA VAL B 37 13.04 2.88 -18.10
C VAL B 37 12.64 4.03 -17.19
N SER B 38 11.39 4.00 -16.70
CA SER B 38 10.83 4.99 -15.79
C SER B 38 11.34 4.88 -14.34
N GLY B 39 12.02 3.77 -14.02
CA GLY B 39 12.59 3.51 -12.70
C GLY B 39 13.41 4.63 -12.08
N PRO B 40 14.49 5.15 -12.77
CA PRO B 40 15.31 6.23 -12.18
C PRO B 40 14.57 7.52 -11.85
N LEU B 41 13.37 7.70 -12.43
CA LEU B 41 12.52 8.89 -12.25
C LEU B 41 11.76 8.84 -10.93
N GLY B 42 11.42 10.03 -10.41
CA GLY B 42 10.68 10.18 -9.16
C GLY B 42 10.90 11.52 -8.49
N LEU B 47 13.76 18.74 -11.73
CA LEU B 47 14.19 19.25 -13.04
C LEU B 47 13.34 18.71 -14.19
N PRO B 48 12.88 19.61 -15.14
CA PRO B 48 12.01 19.17 -16.25
C PRO B 48 12.48 17.99 -17.12
N ILE B 49 13.57 18.13 -17.90
CA ILE B 49 14.07 17.07 -18.78
C ILE B 49 14.17 15.69 -18.08
N LEU B 50 14.50 15.69 -16.77
CA LEU B 50 14.60 14.52 -15.92
C LEU B 50 13.27 13.74 -15.79
N GLY B 51 12.15 14.43 -15.99
CA GLY B 51 10.81 13.83 -15.95
C GLY B 51 10.40 13.20 -17.28
N ASN B 52 11.28 13.31 -18.32
CA ASN B 52 11.05 12.79 -19.66
C ASN B 52 11.84 11.56 -20.02
N LEU B 53 11.32 10.81 -20.98
CA LEU B 53 12.01 9.67 -21.56
C LEU B 53 12.55 10.09 -22.92
N LEU B 54 13.76 9.67 -23.24
CA LEU B 54 14.32 9.92 -24.55
C LEU B 54 13.86 8.77 -25.45
N LEU B 55 13.26 9.11 -26.60
CA LEU B 55 12.82 8.13 -27.61
C LEU B 55 13.68 8.34 -28.83
N GLN B 56 14.26 7.26 -29.36
CA GLN B 56 15.11 7.35 -30.54
C GLN B 56 14.75 6.23 -31.49
N VAL B 57 14.44 6.60 -32.76
CA VAL B 57 14.17 5.62 -33.81
C VAL B 57 15.35 5.61 -34.77
N ALA B 58 15.95 4.44 -34.98
CA ALA B 58 17.08 4.23 -35.91
C ALA B 58 17.11 2.76 -36.34
N ASP B 59 17.16 2.52 -37.67
CA ASP B 59 17.26 1.23 -38.39
C ASP B 59 16.67 0.02 -37.65
N GLY B 60 15.34 -0.07 -37.60
CA GLY B 60 14.66 -1.17 -36.94
C GLY B 60 14.69 -1.17 -35.42
N THR B 61 15.20 -0.11 -34.77
CA THR B 61 15.20 -0.07 -33.30
C THR B 61 14.60 1.22 -32.71
N LEU B 62 13.70 1.06 -31.76
CA LEU B 62 13.20 2.12 -30.94
C LEU B 62 13.97 1.96 -29.62
N SER B 63 14.64 3.04 -29.19
CA SER B 63 15.36 3.06 -27.93
CA SER B 63 15.38 3.08 -27.94
C SER B 63 14.64 4.04 -27.00
N LEU B 64 14.46 3.63 -25.74
CA LEU B 64 13.80 4.43 -24.72
CA LEU B 64 13.80 4.43 -24.72
C LEU B 64 14.78 4.58 -23.57
N THR B 65 15.03 5.83 -23.10
CA THR B 65 15.96 6.07 -22.00
C THR B 65 15.38 6.98 -20.90
N GLY B 66 15.56 6.56 -19.65
CA GLY B 66 15.22 7.31 -18.45
C GLY B 66 16.50 7.52 -17.65
N THR B 67 16.68 8.70 -17.02
CA THR B 67 17.87 8.99 -16.20
C THR B 67 17.58 9.88 -14.99
N ASP B 68 18.44 9.85 -13.95
CA ASP B 68 18.34 10.77 -12.81
C ASP B 68 19.70 11.51 -12.68
N LEU B 69 20.56 11.39 -13.71
CA LEU B 69 21.94 11.90 -13.79
C LEU B 69 22.99 10.97 -13.15
N GLU B 70 22.62 10.18 -12.11
CA GLU B 70 23.55 9.25 -11.42
C GLU B 70 23.49 7.89 -12.12
N MET B 71 22.31 7.52 -12.63
CA MET B 71 22.14 6.28 -13.36
C MET B 71 21.21 6.47 -14.57
N GLU B 72 21.22 5.49 -15.47
CA GLU B 72 20.34 5.51 -16.63
C GLU B 72 19.84 4.11 -16.95
N MET B 73 18.61 4.01 -17.42
CA MET B 73 17.99 2.76 -17.84
C MET B 73 17.61 2.90 -19.30
N VAL B 74 18.01 1.93 -20.13
CA VAL B 74 17.77 1.92 -21.57
C VAL B 74 17.01 0.63 -21.94
N ALA B 75 15.99 0.73 -22.81
CA ALA B 75 15.26 -0.43 -23.36
C ALA B 75 15.28 -0.32 -24.87
N ARG B 76 15.42 -1.47 -25.53
CA ARG B 76 15.41 -1.54 -27.00
C ARG B 76 14.21 -2.34 -27.46
N VAL B 77 13.46 -1.78 -28.39
CA VAL B 77 12.27 -2.42 -28.92
C VAL B 77 12.47 -2.51 -30.42
N ALA B 78 12.39 -3.73 -30.96
CA ALA B 78 12.51 -3.96 -32.39
C ALA B 78 11.28 -3.36 -33.11
N LEU B 79 11.51 -2.67 -34.22
CA LEU B 79 10.47 -2.03 -35.03
C LEU B 79 10.27 -2.83 -36.32
N VAL B 80 9.17 -3.64 -36.36
CA VAL B 80 8.83 -4.56 -37.47
C VAL B 80 7.89 -3.91 -38.50
N GLN B 81 7.34 -2.73 -38.17
CA GLN B 81 6.45 -1.97 -39.04
C GLN B 81 7.20 -0.77 -39.59
N PRO B 82 6.80 -0.18 -40.75
CA PRO B 82 7.56 0.98 -41.26
C PRO B 82 7.72 2.09 -40.22
N HIS B 83 8.87 2.78 -40.30
CA HIS B 83 9.21 3.82 -39.34
C HIS B 83 10.11 4.81 -40.00
N GLU B 84 10.20 5.98 -39.40
CA GLU B 84 11.08 7.03 -39.87
C GLU B 84 11.99 7.42 -38.73
N PRO B 85 13.30 7.59 -39.01
CA PRO B 85 14.25 7.85 -37.92
C PRO B 85 14.09 9.22 -37.29
N GLY B 86 14.58 9.34 -36.08
CA GLY B 86 14.52 10.60 -35.35
C GLY B 86 14.54 10.37 -33.85
N ALA B 87 14.47 11.46 -33.09
CA ALA B 87 14.49 11.42 -31.64
C ALA B 87 13.74 12.60 -31.04
N THR B 88 13.17 12.39 -29.86
CA THR B 88 12.48 13.40 -29.06
C THR B 88 12.46 12.91 -27.60
N THR B 89 12.01 13.77 -26.67
CA THR B 89 11.82 13.40 -25.27
C THR B 89 10.38 13.74 -24.96
N VAL B 90 9.71 12.88 -24.22
CA VAL B 90 8.29 13.02 -23.90
C VAL B 90 8.03 12.78 -22.37
N PRO B 91 7.01 13.41 -21.71
CA PRO B 91 6.77 13.11 -20.27
C PRO B 91 6.53 11.63 -20.03
N ALA B 92 7.38 11.02 -19.17
CA ALA B 92 7.36 9.58 -18.90
C ALA B 92 6.06 9.01 -18.36
N ARG B 93 5.58 9.58 -17.26
CA ARG B 93 4.34 9.16 -16.60
C ARG B 93 3.10 9.28 -17.51
N LYS B 94 2.93 10.43 -18.20
CA LYS B 94 1.80 10.65 -19.11
C LYS B 94 1.83 9.66 -20.27
N PHE B 95 3.02 9.44 -20.90
CA PHE B 95 3.18 8.48 -22.00
C PHE B 95 2.88 7.04 -21.58
N PHE B 96 3.41 6.63 -20.41
CA PHE B 96 3.15 5.32 -19.87
C PHE B 96 1.66 5.16 -19.55
N ASP B 97 1.05 6.15 -18.83
CA ASP B 97 -0.36 6.05 -18.49
C ASP B 97 -1.26 5.95 -19.73
N ILE B 98 -0.91 6.68 -20.80
CA ILE B 98 -1.66 6.62 -22.06
C ILE B 98 -1.62 5.19 -22.63
N CYS B 99 -0.42 4.62 -22.80
CA CYS B 99 -0.21 3.28 -23.36
C CYS B 99 -0.88 2.19 -22.51
N ARG B 100 -0.73 2.28 -21.18
CA ARG B 100 -1.33 1.35 -20.23
C ARG B 100 -2.87 1.41 -20.31
N GLY B 101 -3.42 2.62 -20.46
CA GLY B 101 -4.85 2.83 -20.52
C GLY B 101 -5.52 2.39 -21.82
N LEU B 102 -4.73 2.15 -22.87
CA LEU B 102 -5.31 1.71 -24.15
C LEU B 102 -5.69 0.21 -24.05
N PRO B 103 -6.63 -0.30 -24.89
CA PRO B 103 -7.03 -1.71 -24.73
C PRO B 103 -5.96 -2.74 -25.11
N GLU B 104 -6.07 -3.94 -24.53
CA GLU B 104 -5.19 -5.06 -24.80
C GLU B 104 -5.19 -5.30 -26.31
N GLY B 105 -4.01 -5.39 -26.91
CA GLY B 105 -3.88 -5.61 -28.36
C GLY B 105 -3.90 -4.37 -29.23
N ALA B 106 -3.97 -3.17 -28.63
CA ALA B 106 -4.01 -1.92 -29.38
C ALA B 106 -2.69 -1.70 -30.11
N GLU B 107 -2.78 -1.16 -31.32
CA GLU B 107 -1.62 -0.75 -32.12
C GLU B 107 -1.43 0.73 -31.82
N ILE B 108 -0.21 1.13 -31.45
CA ILE B 108 0.12 2.51 -31.07
C ILE B 108 0.98 3.16 -32.15
N ALA B 109 0.42 4.18 -32.83
CA ALA B 109 1.12 4.93 -33.86
C ALA B 109 1.59 6.24 -33.23
N VAL B 110 2.90 6.49 -33.28
CA VAL B 110 3.49 7.65 -32.65
C VAL B 110 4.23 8.45 -33.70
N GLN B 111 4.08 9.76 -33.70
CA GLN B 111 4.82 10.62 -34.61
C GLN B 111 5.02 12.00 -34.06
N LEU B 112 6.17 12.58 -34.41
CA LEU B 112 6.49 13.92 -34.03
C LEU B 112 5.81 14.82 -35.05
N GLU B 113 5.17 15.90 -34.56
CA GLU B 113 4.48 16.90 -35.38
C GLU B 113 4.87 18.25 -34.78
N GLY B 114 5.90 18.87 -35.34
CA GLY B 114 6.45 20.12 -34.82
C GLY B 114 7.09 19.83 -33.49
N GLU B 115 6.69 20.58 -32.45
CA GLU B 115 7.20 20.41 -31.07
C GLU B 115 6.28 19.49 -30.24
N ARG B 116 5.34 18.80 -30.91
CA ARG B 116 4.43 17.90 -30.20
C ARG B 116 4.62 16.49 -30.64
N MET B 117 4.40 15.57 -29.69
CA MET B 117 4.46 14.15 -30.00
CA MET B 117 4.46 14.14 -29.94
C MET B 117 3.04 13.60 -30.00
N LEU B 118 2.62 13.00 -31.12
CA LEU B 118 1.29 12.46 -31.29
C LEU B 118 1.27 10.98 -31.04
N VAL B 119 0.22 10.53 -30.35
CA VAL B 119 0.03 9.13 -29.99
C VAL B 119 -1.38 8.83 -30.43
N ARG B 120 -1.53 7.90 -31.38
CA ARG B 120 -2.83 7.57 -31.93
C ARG B 120 -3.01 6.07 -31.86
N SER B 121 -4.23 5.62 -31.54
CA SER B 121 -4.64 4.21 -31.47
C SER B 121 -6.19 4.20 -31.55
N GLY B 122 -6.76 3.47 -32.51
CA GLY B 122 -8.21 3.47 -32.74
C GLY B 122 -8.64 4.90 -33.04
N ARG B 123 -9.64 5.41 -32.29
CA ARG B 123 -10.08 6.81 -32.41
C ARG B 123 -9.73 7.62 -31.13
N SER B 124 -8.56 7.28 -30.56
CA SER B 124 -7.95 7.92 -29.38
C SER B 124 -6.76 8.67 -29.93
N ARG B 125 -6.67 9.98 -29.61
CA ARG B 125 -5.58 10.84 -30.09
C ARG B 125 -5.02 11.62 -28.90
N PHE B 126 -3.69 11.58 -28.72
CA PHE B 126 -3.03 12.32 -27.64
C PHE B 126 -1.92 13.14 -28.22
N SER B 127 -1.85 14.40 -27.82
CA SER B 127 -0.79 15.32 -28.28
C SER B 127 -0.01 15.72 -27.03
N LEU B 128 1.21 15.18 -26.90
CA LEU B 128 2.08 15.44 -25.76
C LEU B 128 3.13 16.50 -26.05
N SER B 129 3.48 17.29 -25.02
CA SER B 129 4.54 18.30 -25.16
C SER B 129 5.90 17.58 -25.17
N THR B 130 6.94 18.21 -25.73
CA THR B 130 8.26 17.57 -25.81
C THR B 130 9.36 18.54 -25.38
N LEU B 131 10.56 17.98 -25.18
CA LEU B 131 11.80 18.72 -24.95
C LEU B 131 12.83 18.14 -25.95
N PRO B 132 13.72 18.96 -26.53
CA PRO B 132 14.65 18.42 -27.55
C PRO B 132 15.53 17.27 -27.08
N ALA B 133 15.66 16.24 -27.93
CA ALA B 133 16.50 15.07 -27.69
C ALA B 133 17.96 15.53 -27.42
N ALA B 134 18.42 16.60 -28.12
CA ALA B 134 19.75 17.16 -27.93
C ALA B 134 19.99 17.66 -26.48
N ASP B 135 18.90 17.94 -25.72
CA ASP B 135 19.00 18.41 -24.34
C ASP B 135 19.02 17.30 -23.31
N PHE B 136 18.81 16.04 -23.75
CA PHE B 136 18.74 14.92 -22.81
C PHE B 136 20.16 14.59 -22.27
N PRO B 137 20.30 14.53 -20.93
CA PRO B 137 21.65 14.28 -20.37
C PRO B 137 22.12 12.85 -20.51
N ASN B 138 23.40 12.70 -20.88
CA ASN B 138 24.03 11.39 -21.03
C ASN B 138 25.16 11.22 -20.03
N LEU B 139 25.40 9.98 -19.58
CA LEU B 139 26.54 9.73 -18.70
C LEU B 139 27.78 9.82 -19.60
N ASP B 140 28.94 10.17 -19.02
CA ASP B 140 30.17 10.28 -19.82
C ASP B 140 30.62 8.92 -20.40
N ASP B 141 31.31 8.96 -21.55
CA ASP B 141 31.83 7.74 -22.19
C ASP B 141 32.84 7.08 -21.25
N TRP B 142 32.85 5.74 -21.21
CA TRP B 142 33.73 5.00 -20.29
C TRP B 142 34.15 3.67 -20.86
N GLN B 143 35.13 3.01 -20.21
CA GLN B 143 35.68 1.73 -20.66
C GLN B 143 35.53 0.63 -19.62
N SER B 144 35.11 -0.56 -20.07
CA SER B 144 34.88 -1.75 -19.26
C SER B 144 36.23 -2.43 -18.94
N GLU B 145 36.45 -2.75 -17.67
CA GLU B 145 37.65 -3.41 -17.16
C GLU B 145 37.36 -4.89 -16.84
N VAL B 146 36.17 -5.16 -16.28
CA VAL B 146 35.69 -6.48 -15.84
C VAL B 146 34.39 -6.81 -16.58
N GLU B 147 34.19 -8.08 -16.95
CA GLU B 147 32.98 -8.56 -17.61
C GLU B 147 32.70 -10.01 -17.26
N PHE B 148 31.45 -10.31 -16.89
CA PHE B 148 31.00 -11.66 -16.51
C PHE B 148 29.49 -11.76 -16.64
N THR B 149 28.99 -12.98 -16.82
CA THR B 149 27.56 -13.26 -16.94
C THR B 149 27.18 -14.21 -15.83
N LEU B 150 25.97 -14.06 -15.28
CA LEU B 150 25.47 -14.91 -14.20
C LEU B 150 23.96 -15.01 -14.30
N PRO B 151 23.31 -16.02 -13.67
CA PRO B 151 21.84 -16.05 -13.68
C PRO B 151 21.31 -14.87 -12.86
N GLN B 152 20.16 -14.34 -13.30
CA GLN B 152 19.42 -13.25 -12.66
C GLN B 152 19.16 -13.57 -11.20
N ALA B 153 18.75 -14.84 -10.92
CA ALA B 153 18.41 -15.34 -9.59
C ALA B 153 19.58 -15.26 -8.62
N THR B 154 20.81 -15.45 -9.11
CA THR B 154 22.03 -15.38 -8.31
C THR B 154 22.22 -13.92 -7.87
N MET B 155 22.12 -12.96 -8.83
CA MET B 155 22.27 -11.54 -8.52
C MET B 155 21.21 -11.05 -7.53
N LYS B 156 19.95 -11.54 -7.70
CA LYS B 156 18.83 -11.21 -6.82
C LYS B 156 19.14 -11.72 -5.41
N ARG B 157 19.53 -13.01 -5.28
CA ARG B 157 19.92 -13.60 -3.99
C ARG B 157 21.02 -12.74 -3.29
N LEU B 158 22.08 -12.36 -4.02
CA LEU B 158 23.17 -11.53 -3.49
C LEU B 158 22.71 -10.20 -2.94
N ILE B 159 21.87 -9.48 -3.71
CA ILE B 159 21.35 -8.18 -3.29
C ILE B 159 20.37 -8.34 -2.13
N GLU B 160 19.40 -9.26 -2.27
CA GLU B 160 18.41 -9.49 -1.20
C GLU B 160 19.03 -9.93 0.13
N ALA B 161 20.14 -10.70 0.10
CA ALA B 161 20.77 -11.16 1.33
C ALA B 161 21.47 -10.04 2.13
N THR B 162 21.73 -8.86 1.51
CA THR B 162 22.50 -7.82 2.20
C THR B 162 21.97 -6.40 2.16
N GLN B 163 21.12 -6.08 1.17
CA GLN B 163 20.58 -4.73 0.93
C GLN B 163 20.09 -4.00 2.19
N PHE B 164 19.40 -4.70 3.10
CA PHE B 164 18.88 -4.08 4.32
C PHE B 164 19.97 -3.49 5.23
N SER B 165 21.23 -3.98 5.08
CA SER B 165 22.30 -3.53 5.95
C SER B 165 23.01 -2.28 5.46
N MET B 166 22.61 -1.75 4.30
CA MET B 166 23.22 -0.52 3.76
C MET B 166 22.83 0.64 4.65
N ALA B 167 23.69 1.66 4.75
CA ALA B 167 23.33 2.87 5.48
C ALA B 167 22.45 3.71 4.53
N HIS B 168 21.74 4.69 5.11
CA HIS B 168 20.93 5.66 4.38
C HIS B 168 21.48 6.99 4.89
N GLN B 169 21.89 7.87 4.00
CA GLN B 169 22.36 9.23 4.37
C GLN B 169 23.49 9.29 5.44
N ASP B 170 24.36 8.26 5.57
CA ASP B 170 25.47 8.36 6.55
C ASP B 170 26.49 9.37 5.98
N VAL B 171 27.18 10.11 6.84
CA VAL B 171 28.21 11.06 6.44
C VAL B 171 29.37 10.32 5.72
N ARG B 172 29.59 9.03 6.06
CA ARG B 172 30.56 8.16 5.41
C ARG B 172 29.86 7.64 4.15
N TYR B 173 29.92 8.45 3.06
CA TYR B 173 29.26 8.26 1.76
C TYR B 173 29.28 6.85 1.23
N TYR B 174 30.43 6.19 1.32
CA TYR B 174 30.72 4.84 0.86
C TYR B 174 29.83 3.76 1.54
N LEU B 175 29.19 4.07 2.70
CA LEU B 175 28.27 3.17 3.40
C LEU B 175 26.86 3.20 2.85
N ASN B 176 26.50 4.27 2.10
CA ASN B 176 25.17 4.45 1.48
C ASN B 176 25.16 3.78 0.11
N GLY B 177 25.57 2.55 0.12
CA GLY B 177 25.68 1.75 -1.08
C GLY B 177 26.07 0.35 -0.74
N MET B 178 26.41 -0.41 -1.77
CA MET B 178 26.74 -1.81 -1.61
C MET B 178 27.99 -2.16 -2.37
N LEU B 179 28.90 -2.87 -1.69
CA LEU B 179 30.11 -3.35 -2.31
C LEU B 179 29.78 -4.55 -3.17
N PHE B 180 30.25 -4.51 -4.41
CA PHE B 180 30.21 -5.59 -5.40
C PHE B 180 31.64 -6.01 -5.58
N GLU B 181 31.93 -7.26 -5.25
CA GLU B 181 33.30 -7.76 -5.26
C GLU B 181 33.44 -9.08 -5.98
N THR B 182 34.42 -9.17 -6.91
CA THR B 182 34.72 -10.42 -7.61
C THR B 182 36.01 -10.98 -6.99
N GLU B 183 36.03 -12.28 -6.66
CA GLU B 183 37.22 -12.95 -6.11
C GLU B 183 37.19 -14.42 -6.49
N GLY B 184 38.22 -14.89 -7.19
CA GLY B 184 38.28 -16.28 -7.62
C GLY B 184 37.20 -16.56 -8.65
N GLU B 185 36.23 -17.39 -8.27
CA GLU B 185 35.07 -17.75 -9.09
C GLU B 185 33.74 -17.18 -8.48
N GLU B 186 33.88 -16.31 -7.44
CA GLU B 186 32.71 -15.78 -6.74
C GLU B 186 32.45 -14.31 -6.95
N LEU B 187 31.17 -13.97 -6.85
CA LEU B 187 30.70 -12.60 -6.79
C LEU B 187 30.14 -12.46 -5.39
N ARG B 188 30.51 -11.36 -4.75
CA ARG B 188 30.15 -11.07 -3.38
C ARG B 188 29.59 -9.67 -3.24
N THR B 189 28.62 -9.57 -2.33
CA THR B 189 28.06 -8.30 -1.92
C THR B 189 28.32 -8.12 -0.44
N VAL B 190 28.65 -6.88 -0.06
CA VAL B 190 28.84 -6.50 1.34
C VAL B 190 28.06 -5.20 1.57
N ALA B 191 27.29 -5.13 2.66
CA ALA B 191 26.61 -3.91 3.07
C ALA B 191 26.72 -3.74 4.57
N THR B 192 26.96 -2.49 5.01
CA THR B 192 27.15 -2.14 6.42
C THR B 192 26.81 -0.68 6.69
N ASP B 193 26.34 -0.38 7.90
CA ASP B 193 26.00 0.99 8.29
C ASP B 193 26.81 1.43 9.52
N GLY B 194 27.82 0.65 9.88
CA GLY B 194 28.65 0.93 11.05
C GLY B 194 28.18 0.30 12.33
N HIS B 195 26.97 -0.28 12.35
CA HIS B 195 26.41 -0.97 13.51
C HIS B 195 26.23 -2.45 13.23
N ARG B 196 25.85 -2.77 12.00
CA ARG B 196 25.65 -4.14 11.54
C ARG B 196 26.18 -4.29 10.12
N LEU B 197 26.48 -5.51 9.73
CA LEU B 197 27.07 -5.81 8.41
C LEU B 197 26.44 -7.10 7.93
N ALA B 198 26.26 -7.19 6.61
CA ALA B 198 25.77 -8.37 5.91
C ALA B 198 26.75 -8.68 4.77
N VAL B 199 27.10 -9.97 4.58
CA VAL B 199 27.99 -10.40 3.50
C VAL B 199 27.47 -11.68 2.87
N CYS B 200 27.41 -11.73 1.54
CA CYS B 200 26.95 -12.89 0.80
C CYS B 200 27.87 -13.10 -0.40
N SER B 201 28.21 -14.36 -0.72
CA SER B 201 29.00 -14.64 -1.91
C SER B 201 28.47 -15.89 -2.58
N MET B 202 28.53 -15.91 -3.89
CA MET B 202 28.02 -17.02 -4.68
C MET B 202 29.00 -17.43 -5.76
N PRO B 203 29.18 -18.75 -6.04
CA PRO B 203 30.03 -19.16 -7.17
C PRO B 203 29.31 -18.86 -8.50
N ILE B 204 30.04 -18.35 -9.50
CA ILE B 204 29.39 -18.03 -10.78
C ILE B 204 30.03 -18.82 -11.97
N GLY B 205 30.73 -19.90 -11.64
CA GLY B 205 31.33 -20.86 -12.56
C GLY B 205 32.32 -20.34 -13.59
N GLN B 206 32.97 -19.23 -13.29
CA GLN B 206 33.96 -18.65 -14.20
C GLN B 206 35.02 -17.93 -13.37
N SER B 207 36.29 -18.03 -13.81
CA SER B 207 37.42 -17.39 -13.14
C SER B 207 37.35 -15.90 -13.40
N LEU B 208 37.48 -15.10 -12.34
CA LEU B 208 37.34 -13.65 -12.42
C LEU B 208 38.55 -12.92 -11.84
N PRO B 209 38.87 -11.71 -12.35
CA PRO B 209 39.90 -10.90 -11.68
C PRO B 209 39.37 -10.38 -10.34
N SER B 210 40.26 -9.96 -9.44
CA SER B 210 39.87 -9.40 -8.16
C SER B 210 39.57 -7.92 -8.34
N HIS B 211 38.31 -7.54 -8.08
CA HIS B 211 37.82 -6.18 -8.26
C HIS B 211 36.71 -5.89 -7.25
N SER B 212 36.67 -4.64 -6.76
CA SER B 212 35.66 -4.19 -5.80
CA SER B 212 35.64 -4.22 -5.83
C SER B 212 35.18 -2.80 -6.15
N VAL B 213 33.85 -2.61 -6.23
CA VAL B 213 33.22 -1.34 -6.53
C VAL B 213 32.06 -1.12 -5.59
N ILE B 214 31.76 0.15 -5.30
CA ILE B 214 30.59 0.53 -4.49
C ILE B 214 29.50 1.05 -5.43
N VAL B 215 28.37 0.35 -5.49
CA VAL B 215 27.20 0.74 -6.27
C VAL B 215 26.34 1.61 -5.35
N PRO B 216 25.87 2.81 -5.78
CA PRO B 216 25.03 3.63 -4.87
C PRO B 216 23.71 2.94 -4.56
N ARG B 217 23.16 3.16 -3.36
CA ARG B 217 21.94 2.48 -2.93
C ARG B 217 20.76 2.57 -3.93
N LYS B 218 20.55 3.75 -4.59
CA LYS B 218 19.47 3.88 -5.58
C LYS B 218 19.70 2.97 -6.78
N GLY B 219 20.99 2.81 -7.17
CA GLY B 219 21.45 1.92 -8.24
C GLY B 219 21.21 0.45 -7.91
N VAL B 220 21.43 0.06 -6.64
CA VAL B 220 21.19 -1.31 -6.12
C VAL B 220 19.65 -1.62 -6.29
N ILE B 221 18.78 -0.67 -5.85
CA ILE B 221 17.30 -0.77 -5.92
C ILE B 221 16.86 -0.91 -7.39
N GLU B 222 17.45 -0.11 -8.28
CA GLU B 222 17.16 -0.16 -9.72
C GLU B 222 17.57 -1.45 -10.37
N LEU B 223 18.74 -1.98 -9.99
CA LEU B 223 19.25 -3.25 -10.50
C LEU B 223 18.34 -4.41 -10.04
N MET B 224 17.90 -4.36 -8.78
CA MET B 224 16.99 -5.36 -8.20
C MET B 224 15.70 -5.43 -8.98
N ARG B 225 15.11 -4.23 -9.21
CA ARG B 225 13.84 -4.09 -9.91
CA ARG B 225 13.86 -4.02 -9.93
C ARG B 225 13.91 -4.57 -11.36
N MET B 226 15.09 -4.55 -11.99
CA MET B 226 15.23 -5.02 -13.38
C MET B 226 15.31 -6.55 -13.49
N LEU B 227 15.53 -7.26 -12.37
CA LEU B 227 15.62 -8.72 -12.37
C LEU B 227 14.25 -9.33 -12.08
N ASP B 228 13.68 -10.02 -13.07
CA ASP B 228 12.40 -10.68 -12.95
C ASP B 228 12.55 -12.14 -12.47
N GLY B 229 13.79 -12.58 -12.26
CA GLY B 229 14.09 -13.94 -11.83
C GLY B 229 14.01 -14.97 -12.95
N GLY B 230 13.70 -14.49 -14.17
CA GLY B 230 13.60 -15.32 -15.37
C GLY B 230 14.91 -15.92 -15.82
N ASP B 231 14.88 -16.70 -16.91
CA ASP B 231 16.07 -17.37 -17.42
C ASP B 231 16.94 -16.52 -18.36
N ASN B 232 16.54 -15.25 -18.66
CA ASN B 232 17.39 -14.34 -19.43
C ASN B 232 18.65 -14.10 -18.57
N PRO B 233 19.87 -14.46 -19.01
CA PRO B 233 21.05 -14.25 -18.13
C PRO B 233 21.40 -12.76 -17.95
N LEU B 234 22.10 -12.45 -16.85
CA LEU B 234 22.53 -11.09 -16.60
C LEU B 234 24.00 -10.92 -16.98
N ARG B 235 24.31 -9.93 -17.85
CA ARG B 235 25.71 -9.65 -18.24
C ARG B 235 26.15 -8.36 -17.53
N VAL B 236 27.22 -8.45 -16.72
CA VAL B 236 27.73 -7.29 -15.96
C VAL B 236 29.04 -6.82 -16.58
N GLN B 237 29.23 -5.49 -16.67
CA GLN B 237 30.46 -4.83 -17.11
C GLN B 237 30.81 -3.80 -16.07
N ILE B 238 32.07 -3.83 -15.60
CA ILE B 238 32.52 -2.90 -14.55
C ILE B 238 33.70 -2.09 -15.06
N GLY B 239 33.60 -0.78 -14.90
CA GLY B 239 34.63 0.18 -15.24
C GLY B 239 35.22 0.75 -13.98
N SER B 240 36.03 1.80 -14.11
CA SER B 240 36.65 2.44 -12.94
C SER B 240 35.63 3.29 -12.18
N ASN B 241 34.70 3.94 -12.92
CA ASN B 241 33.70 4.86 -12.36
C ASN B 241 32.25 4.48 -12.67
N ASN B 242 32.03 3.32 -13.32
CA ASN B 242 30.70 2.87 -13.71
C ASN B 242 30.53 1.36 -13.62
N ILE B 243 29.28 0.92 -13.51
CA ILE B 243 28.82 -0.47 -13.57
C ILE B 243 27.70 -0.45 -14.61
N ARG B 244 27.51 -1.54 -15.35
CA ARG B 244 26.50 -1.70 -16.36
C ARG B 244 25.99 -3.13 -16.32
N ALA B 245 24.67 -3.28 -16.36
CA ALA B 245 24.01 -4.59 -16.37
C ALA B 245 23.10 -4.68 -17.58
N HIS B 246 23.27 -5.74 -18.38
CA HIS B 246 22.46 -6.05 -19.54
C HIS B 246 21.59 -7.26 -19.18
N VAL B 247 20.25 -7.10 -19.22
CA VAL B 247 19.26 -8.16 -19.00
C VAL B 247 18.25 -8.09 -20.17
N GLY B 248 18.20 -9.12 -21.01
CA GLY B 248 17.31 -9.18 -22.16
C GLY B 248 17.52 -7.97 -23.07
N ASP B 249 16.48 -7.15 -23.21
CA ASP B 249 16.53 -5.92 -24.03
C ASP B 249 16.82 -4.66 -23.21
N PHE B 250 17.21 -4.83 -21.94
CA PHE B 250 17.47 -3.69 -21.05
C PHE B 250 18.93 -3.53 -20.69
N ILE B 251 19.39 -2.27 -20.60
CA ILE B 251 20.75 -1.89 -20.22
C ILE B 251 20.69 -0.84 -19.11
N PHE B 252 21.15 -1.20 -17.91
CA PHE B 252 21.22 -0.31 -16.76
C PHE B 252 22.67 0.12 -16.58
N THR B 253 22.93 1.41 -16.35
CA THR B 253 24.28 1.95 -16.10
C THR B 253 24.19 2.90 -14.92
N SER B 254 25.13 2.81 -13.99
CA SER B 254 25.17 3.68 -12.82
C SER B 254 26.61 4.14 -12.61
N LYS B 255 26.79 5.32 -12.02
CA LYS B 255 28.09 5.82 -11.60
C LYS B 255 28.39 5.04 -10.29
N LEU B 256 29.67 4.96 -9.89
CA LEU B 256 30.04 4.27 -8.65
C LEU B 256 30.32 5.28 -7.53
N VAL B 257 30.34 4.82 -6.25
CA VAL B 257 30.62 5.68 -5.09
C VAL B 257 32.10 5.62 -4.78
N ASP B 258 32.70 6.78 -4.40
CA ASP B 258 34.11 6.85 -4.00
C ASP B 258 34.30 6.51 -2.51
N GLY B 259 35.53 6.16 -2.16
CA GLY B 259 35.89 5.85 -0.78
C GLY B 259 36.28 4.42 -0.50
N ARG B 260 36.85 4.21 0.67
CA ARG B 260 37.37 2.92 1.10
C ARG B 260 36.32 2.15 1.87
N PHE B 261 35.74 1.14 1.22
CA PHE B 261 34.72 0.33 1.88
C PHE B 261 35.33 -0.51 3.01
N PRO B 262 34.66 -0.70 4.16
CA PRO B 262 35.25 -1.57 5.20
C PRO B 262 35.47 -3.02 4.67
N ASP B 263 36.39 -3.72 5.31
CA ASP B 263 36.80 -5.07 4.96
C ASP B 263 36.08 -6.04 5.87
N TYR B 264 35.09 -6.79 5.31
CA TYR B 264 34.30 -7.76 6.09
C TYR B 264 35.18 -8.79 6.82
N ARG B 265 36.33 -9.20 6.19
CA ARG B 265 37.27 -10.19 6.75
C ARG B 265 37.78 -9.76 8.13
N ARG B 266 37.86 -8.45 8.37
CA ARG B 266 38.29 -7.87 9.64
C ARG B 266 37.14 -7.56 10.60
N VAL B 267 35.92 -7.55 10.10
CA VAL B 267 34.69 -7.29 10.87
C VAL B 267 34.13 -8.59 11.47
N LEU B 268 34.24 -9.74 10.75
CA LEU B 268 33.80 -11.02 11.28
C LEU B 268 34.46 -11.33 12.62
N PRO B 269 33.70 -11.69 13.68
CA PRO B 269 34.32 -12.02 14.99
C PRO B 269 35.44 -13.06 14.85
N LYS B 270 36.61 -12.79 15.44
CA LYS B 270 37.83 -13.65 15.35
C LYS B 270 37.57 -15.12 15.78
N ASN B 271 37.16 -15.35 17.04
CA ASN B 271 36.87 -16.68 17.58
C ASN B 271 35.59 -16.68 18.41
N PRO B 272 34.41 -16.60 17.75
CA PRO B 272 33.16 -16.63 18.50
C PRO B 272 32.89 -18.04 19.03
N ASP B 273 33.46 -18.36 20.20
CA ASP B 273 33.43 -19.68 20.86
C ASP B 273 32.04 -20.18 21.35
N LYS B 274 31.10 -19.27 21.72
CA LYS B 274 29.77 -19.63 22.25
C LYS B 274 28.73 -19.75 21.12
N HIS B 275 28.37 -20.99 20.77
CA HIS B 275 27.44 -21.25 19.66
C HIS B 275 26.06 -21.60 20.14
N LEU B 276 25.05 -20.90 19.61
CA LEU B 276 23.65 -21.15 19.93
C LEU B 276 22.96 -21.54 18.64
N GLU B 277 22.09 -22.53 18.71
CA GLU B 277 21.30 -22.92 17.56
C GLU B 277 19.84 -22.99 17.93
N ALA B 278 18.98 -22.53 17.02
CA ALA B 278 17.54 -22.52 17.24
C ALA B 278 16.83 -22.40 15.90
N GLY B 279 15.53 -22.71 15.90
CA GLY B 279 14.68 -22.55 14.72
C GLY B 279 14.60 -21.08 14.37
N CYS B 280 14.72 -20.79 13.06
CA CYS B 280 14.69 -19.43 12.57
C CYS B 280 13.36 -18.71 12.86
N ASP B 281 12.23 -19.39 12.55
CA ASP B 281 10.88 -18.85 12.78
C ASP B 281 10.58 -18.60 14.27
N LEU B 282 10.88 -19.58 15.14
CA LEU B 282 10.68 -19.46 16.59
C LEU B 282 11.48 -18.30 17.18
N LEU B 283 12.74 -18.15 16.75
CA LEU B 283 13.61 -17.05 17.19
C LEU B 283 13.07 -15.71 16.70
N LYS B 284 12.68 -15.65 15.39
CA LYS B 284 12.13 -14.44 14.76
C LYS B 284 10.81 -13.99 15.45
N GLN B 285 9.92 -14.92 15.74
CA GLN B 285 8.63 -14.60 16.37
C GLN B 285 8.81 -14.13 17.81
N ALA B 286 9.79 -14.70 18.54
CA ALA B 286 10.05 -14.29 19.92
C ALA B 286 10.62 -12.88 19.97
N PHE B 287 11.58 -12.59 19.07
CA PHE B 287 12.15 -11.24 18.99
C PHE B 287 11.09 -10.23 18.56
N ALA B 288 10.21 -10.62 17.60
CA ALA B 288 9.15 -9.71 17.09
C ALA B 288 8.11 -9.36 18.17
N ARG B 289 7.76 -10.30 19.03
CA ARG B 289 6.83 -10.03 20.14
C ARG B 289 7.51 -9.17 21.20
N ALA B 290 8.79 -9.46 21.55
CA ALA B 290 9.53 -8.69 22.57
C ALA B 290 9.69 -7.20 22.14
N ALA B 291 9.89 -6.97 20.82
CA ALA B 291 10.03 -5.66 20.17
C ALA B 291 8.86 -4.71 20.48
N ILE B 292 7.64 -5.25 20.59
CA ILE B 292 6.44 -4.48 20.89
C ILE B 292 6.62 -3.61 22.16
N LEU B 293 7.29 -4.18 23.18
CA LEU B 293 7.46 -3.46 24.44
C LEU B 293 8.85 -2.89 24.63
N SER B 294 9.61 -2.75 23.53
CA SER B 294 10.92 -2.14 23.58
C SER B 294 10.77 -0.62 23.44
N ASN B 295 11.78 0.11 23.87
CA ASN B 295 11.83 1.58 23.75
C ASN B 295 11.74 1.95 22.24
N GLU B 296 10.81 2.84 21.87
CA GLU B 296 10.58 3.24 20.46
C GLU B 296 11.78 3.90 19.80
N LYS B 297 12.60 4.61 20.59
CA LYS B 297 13.80 5.27 20.10
C LYS B 297 15.02 4.30 20.07
N PHE B 298 15.36 3.67 21.24
CA PHE B 298 16.55 2.84 21.38
C PHE B 298 16.40 1.36 20.92
N ARG B 299 15.17 0.81 20.98
CA ARG B 299 14.83 -0.57 20.50
C ARG B 299 15.63 -1.68 21.17
N GLY B 300 16.13 -1.41 22.37
CA GLY B 300 16.98 -2.35 23.08
C GLY B 300 16.25 -3.56 23.64
N VAL B 301 16.81 -4.75 23.37
CA VAL B 301 16.40 -6.02 23.96
C VAL B 301 17.60 -6.61 24.69
N ARG B 302 17.36 -7.35 25.75
CA ARG B 302 18.39 -7.99 26.56
C ARG B 302 18.28 -9.50 26.36
N LEU B 303 19.40 -10.16 25.99
CA LEU B 303 19.44 -11.62 25.79
C LEU B 303 20.25 -12.23 26.92
N TYR B 304 19.76 -13.32 27.53
N TYR B 304 19.76 -13.33 27.48
CA TYR B 304 20.50 -14.04 28.54
CA TYR B 304 20.40 -14.11 28.54
C TYR B 304 20.56 -15.49 28.07
C TYR B 304 20.55 -15.53 28.01
N VAL B 305 21.78 -15.97 27.81
CA VAL B 305 22.00 -17.34 27.36
C VAL B 305 22.48 -18.19 28.52
N SER B 306 21.85 -19.34 28.68
CA SER B 306 22.16 -20.33 29.70
C SER B 306 21.97 -21.68 29.05
N GLU B 307 22.27 -22.77 29.77
CA GLU B 307 22.18 -24.13 29.22
C GLU B 307 20.86 -24.42 28.50
N ASN B 308 20.93 -24.62 27.16
CA ASN B 308 19.79 -24.93 26.28
C ASN B 308 18.61 -23.93 26.45
N GLN B 309 18.94 -22.67 26.72
CA GLN B 309 17.92 -21.65 26.94
C GLN B 309 18.37 -20.27 26.52
N LEU B 310 17.46 -19.54 25.88
CA LEU B 310 17.60 -18.13 25.56
C LEU B 310 16.39 -17.39 26.22
N LYS B 311 16.68 -16.31 26.95
CA LYS B 311 15.66 -15.47 27.54
C LYS B 311 15.80 -14.09 26.88
N ILE B 312 14.71 -13.57 26.29
CA ILE B 312 14.72 -12.25 25.65
C ILE B 312 13.86 -11.34 26.50
N THR B 313 14.39 -10.20 26.93
CA THR B 313 13.59 -9.24 27.68
C THR B 313 13.62 -7.86 27.03
N ALA B 314 12.49 -7.14 27.08
CA ALA B 314 12.36 -5.76 26.58
C ALA B 314 11.55 -4.93 27.54
N ASN B 315 11.95 -3.68 27.75
CA ASN B 315 11.13 -2.76 28.55
C ASN B 315 11.15 -1.37 27.93
N ASN B 316 10.13 -0.57 28.20
CA ASN B 316 10.01 0.74 27.62
C ASN B 316 9.91 1.83 28.74
N PRO B 317 9.75 3.14 28.43
CA PRO B 317 9.73 4.13 29.53
C PRO B 317 8.47 4.04 30.41
N GLU B 318 7.37 3.45 29.89
CA GLU B 318 6.12 3.28 30.65
C GLU B 318 6.21 2.11 31.64
N GLN B 319 7.40 1.46 31.73
CA GLN B 319 7.71 0.31 32.58
C GLN B 319 6.94 -0.95 32.14
N GLU B 320 6.48 -0.97 30.89
CA GLU B 320 5.86 -2.17 30.32
C GLU B 320 7.00 -3.17 30.04
N GLU B 321 6.74 -4.47 30.11
CA GLU B 321 7.81 -5.43 29.88
C GLU B 321 7.38 -6.69 29.16
N ALA B 322 8.24 -7.18 28.25
CA ALA B 322 8.04 -8.41 27.50
C ALA B 322 9.16 -9.36 27.87
N GLU B 323 8.80 -10.62 28.08
CA GLU B 323 9.76 -11.70 28.36
C GLU B 323 9.43 -12.90 27.53
N GLU B 324 10.42 -13.44 26.85
CA GLU B 324 10.30 -14.65 26.03
C GLU B 324 11.37 -15.61 26.50
N ILE B 325 10.99 -16.84 26.77
CA ILE B 325 11.96 -17.90 27.11
C ILE B 325 11.82 -18.93 25.98
N LEU B 326 12.96 -19.32 25.38
CA LEU B 326 13.02 -20.28 24.26
C LEU B 326 13.94 -21.43 24.58
N ASP B 327 13.59 -22.62 24.10
CA ASP B 327 14.44 -23.80 24.19
C ASP B 327 15.37 -23.69 22.98
N VAL B 328 16.68 -23.75 23.22
CA VAL B 328 17.68 -23.63 22.15
C VAL B 328 18.78 -24.66 22.38
N THR B 329 19.74 -24.75 21.46
CA THR B 329 20.89 -25.60 21.67
C THR B 329 22.02 -24.68 22.10
N TYR B 330 22.46 -24.82 23.36
CA TYR B 330 23.53 -24.00 23.92
C TYR B 330 24.17 -24.68 25.11
N SER B 331 25.52 -24.84 25.04
CA SER B 331 26.33 -25.45 26.13
C SER B 331 27.45 -24.57 26.69
N GLY B 332 27.61 -23.36 26.18
CA GLY B 332 28.65 -22.45 26.66
C GLY B 332 28.43 -21.81 28.02
N ALA B 333 29.30 -20.83 28.36
CA ALA B 333 29.23 -20.07 29.60
C ALA B 333 28.00 -19.13 29.56
N GLU B 334 27.38 -18.90 30.72
CA GLU B 334 26.24 -17.99 30.79
C GLU B 334 26.68 -16.57 30.49
N MET B 335 25.87 -15.83 29.73
CA MET B 335 26.15 -14.43 29.42
C MET B 335 24.89 -13.65 29.10
N GLU B 336 24.97 -12.34 29.34
CA GLU B 336 23.96 -11.35 29.06
C GLU B 336 24.51 -10.44 27.93
N ILE B 337 23.66 -10.07 26.96
CA ILE B 337 24.08 -9.18 25.86
C ILE B 337 22.88 -8.38 25.35
N GLY B 338 23.09 -7.08 25.10
CA GLY B 338 22.01 -6.24 24.59
C GLY B 338 22.11 -5.99 23.11
N PHE B 339 20.95 -5.85 22.43
CA PHE B 339 20.92 -5.54 20.99
C PHE B 339 19.76 -4.64 20.60
N ASN B 340 19.91 -3.92 19.47
CA ASN B 340 18.79 -3.18 18.85
C ASN B 340 17.99 -4.30 18.19
N VAL B 341 16.73 -4.51 18.63
CA VAL B 341 15.93 -5.64 18.15
C VAL B 341 15.64 -5.57 16.62
N SER B 342 15.57 -4.36 16.03
CA SER B 342 15.30 -4.21 14.58
C SER B 342 16.46 -4.83 13.75
N TYR B 343 17.70 -4.67 14.23
CA TYR B 343 18.90 -5.23 13.55
C TYR B 343 18.83 -6.76 13.59
N VAL B 344 18.41 -7.34 14.74
CA VAL B 344 18.29 -8.80 14.89
C VAL B 344 17.19 -9.36 13.95
N LEU B 345 16.00 -8.72 13.98
CA LEU B 345 14.83 -9.07 13.16
C LEU B 345 15.15 -8.94 11.66
N ASP B 346 15.88 -7.88 11.27
CA ASP B 346 16.31 -7.71 9.87
C ASP B 346 17.06 -8.94 9.39
N VAL B 347 18.01 -9.43 10.21
CA VAL B 347 18.84 -10.61 9.89
C VAL B 347 17.96 -11.87 9.76
N LEU B 348 17.11 -12.12 10.76
CA LEU B 348 16.21 -13.31 10.76
C LEU B 348 15.25 -13.31 9.59
N ASN B 349 14.73 -12.12 9.21
CA ASN B 349 13.87 -11.92 8.05
C ASN B 349 14.63 -12.20 6.76
N ALA B 350 15.92 -11.81 6.67
CA ALA B 350 16.76 -12.10 5.49
C ALA B 350 17.13 -13.57 5.37
N LEU B 351 17.29 -14.26 6.50
CA LEU B 351 17.63 -15.68 6.56
C LEU B 351 16.33 -16.47 6.38
N LYS B 352 16.05 -16.89 5.17
CA LYS B 352 14.78 -17.58 4.94
C LYS B 352 15.03 -19.08 5.00
N CYS B 353 15.47 -19.55 6.19
CA CYS B 353 15.92 -20.92 6.44
C CYS B 353 15.23 -21.58 7.64
N GLU B 354 15.53 -22.86 7.89
CA GLU B 354 14.93 -23.61 8.97
C GLU B 354 15.61 -23.30 10.29
N ASN B 355 16.95 -23.39 10.33
CA ASN B 355 17.71 -23.18 11.55
C ASN B 355 18.75 -22.09 11.43
N VAL B 356 18.95 -21.40 12.54
CA VAL B 356 19.91 -20.33 12.64
C VAL B 356 20.99 -20.66 13.70
N ARG B 357 22.22 -20.22 13.43
CA ARG B 357 23.33 -20.28 14.37
C ARG B 357 23.72 -18.83 14.74
N MET B 358 23.91 -18.57 16.05
CA MET B 358 24.38 -17.28 16.63
C MET B 358 25.68 -17.64 17.35
N MET B 359 26.75 -16.97 16.97
CA MET B 359 28.10 -17.20 17.45
C MET B 359 28.55 -15.97 18.25
N LEU B 360 28.64 -16.15 19.57
CA LEU B 360 28.92 -15.12 20.57
C LEU B 360 30.31 -15.23 21.18
N THR B 361 30.81 -14.09 21.66
CA THR B 361 32.10 -13.95 22.33
C THR B 361 31.86 -13.48 23.78
N ASP B 362 31.45 -12.22 23.95
CA ASP B 362 31.16 -11.63 25.25
C ASP B 362 30.15 -10.49 25.09
N SER B 363 29.79 -9.83 26.22
CA SER B 363 28.80 -8.76 26.32
CA SER B 363 28.79 -8.77 26.29
C SER B 363 29.12 -7.49 25.51
N VAL B 364 30.39 -7.27 25.17
CA VAL B 364 30.80 -6.05 24.48
C VAL B 364 31.23 -6.28 23.06
N SER B 365 31.07 -7.52 22.59
CA SER B 365 31.53 -7.90 21.25
C SER B 365 30.43 -8.26 20.30
N SER B 366 30.69 -8.06 19.02
CA SER B 366 29.73 -8.36 17.95
C SER B 366 29.32 -9.83 17.94
N VAL B 367 28.16 -10.11 17.34
CA VAL B 367 27.64 -11.46 17.18
C VAL B 367 27.63 -11.75 15.70
N GLN B 368 27.90 -12.99 15.33
CA GLN B 368 27.80 -13.43 13.96
C GLN B 368 26.61 -14.37 13.92
N ILE B 369 25.73 -14.18 12.93
CA ILE B 369 24.51 -14.95 12.74
C ILE B 369 24.52 -15.47 11.32
N GLU B 370 24.14 -16.74 11.18
CA GLU B 370 24.06 -17.38 9.88
C GLU B 370 23.07 -18.53 9.88
N ASP B 371 22.72 -18.98 8.69
CA ASP B 371 21.91 -20.17 8.44
C ASP B 371 22.76 -21.31 8.98
N ALA B 372 22.21 -22.16 9.87
CA ALA B 372 23.00 -23.27 10.44
C ALA B 372 23.44 -24.29 9.36
N ALA B 373 22.77 -24.29 8.20
CA ALA B 373 23.01 -25.23 7.10
C ALA B 373 23.81 -24.65 5.92
N SER B 374 24.15 -23.34 5.94
CA SER B 374 24.85 -22.71 4.83
C SER B 374 25.70 -21.54 5.29
N GLN B 375 26.94 -21.49 4.77
CA GLN B 375 27.88 -20.43 5.11
C GLN B 375 28.02 -19.40 3.96
N SER B 376 27.08 -19.41 2.99
CA SER B 376 27.11 -18.49 1.84
C SER B 376 26.89 -17.03 2.25
N ALA B 377 26.11 -16.77 3.30
CA ALA B 377 25.87 -15.44 3.84
C ALA B 377 26.28 -15.41 5.31
N ALA B 378 26.75 -14.26 5.80
CA ALA B 378 27.10 -14.14 7.20
C ALA B 378 26.66 -12.73 7.61
N TYR B 379 26.16 -12.62 8.85
CA TYR B 379 25.66 -11.35 9.38
C TYR B 379 26.34 -11.02 10.67
N VAL B 380 26.77 -9.76 10.85
CA VAL B 380 27.48 -9.36 12.05
C VAL B 380 26.74 -8.19 12.67
N VAL B 381 26.38 -8.29 13.97
CA VAL B 381 25.65 -7.22 14.68
C VAL B 381 26.43 -6.79 15.90
N MET B 382 26.68 -5.48 16.04
CA MET B 382 27.36 -4.95 17.23
C MET B 382 26.34 -4.79 18.35
N PRO B 383 26.66 -5.19 19.61
CA PRO B 383 25.69 -5.01 20.67
C PRO B 383 25.49 -3.56 21.11
N MET B 384 24.56 -3.40 22.05
CA MET B 384 24.24 -2.15 22.71
C MET B 384 24.72 -2.31 24.15
N ARG B 385 24.97 -1.19 24.84
CA ARG B 385 25.33 -1.18 26.26
C ARG B 385 24.02 -0.88 27.04
N LEU B 386 23.34 -1.91 27.53
CA LEU B 386 22.09 -1.67 28.25
C LEU B 386 22.32 -1.62 29.79
N GLN C 2 -16.64 24.67 -11.48
CA GLN C 2 -17.67 23.75 -11.04
C GLN C 2 -18.95 24.49 -10.63
N ASP C 4 -22.69 24.54 -8.72
CA ASP C 4 -23.29 23.89 -7.55
C ASP C 4 -24.54 23.12 -7.92
N LEU C 5 -24.72 21.95 -7.32
CA LEU C 5 -25.89 21.11 -7.56
C LEU C 5 -27.12 21.69 -6.85
N PHE C 6 -26.89 22.31 -5.69
CA PHE C 6 -27.96 22.92 -4.89
C PHE C 6 -27.41 24.05 -4.05
N GLN D 2 24.23 2.20 21.45
CA GLN D 2 24.71 1.39 20.33
C GLN D 2 26.25 1.50 20.22
N ASP D 4 29.85 0.89 18.16
CA ASP D 4 30.28 0.88 16.76
C ASP D 4 30.92 -0.45 16.39
N LEU D 5 30.65 -0.91 15.17
CA LEU D 5 31.19 -2.18 14.69
C LEU D 5 32.67 -1.95 14.25
N PHE D 6 32.97 -0.77 13.74
CA PHE D 6 34.30 -0.38 13.29
C PHE D 6 34.47 1.14 13.42
#